data_2GJ9
#
_entry.id   2GJ9
#
_cell.length_a   57.240
_cell.length_b   70.100
_cell.length_c   90.210
_cell.angle_alpha   90.00
_cell.angle_beta   95.76
_cell.angle_gamma   90.00
#
_symmetry.space_group_name_H-M   'P 1 21 1'
#
loop_
_entity.id
_entity.type
_entity.pdbx_description
1 polymer 'tRNA modification GTPase trmE'
2 non-polymer 'TETRAFLUOROALUMINATE ION'
3 non-polymer 'MAGNESIUM ION'
4 non-polymer 'RUBIDIUM ION'
5 non-polymer "GUANOSINE-5'-DIPHOSPHATE"
6 water water
#
_entity_poly.entity_id   1
_entity_poly.type   'polypeptide(L)'
_entity_poly.pdbx_seq_one_letter_code
;GSHGMKVVIAGRPNAGKSSLLNALAGREAAIVTDIAGTTRDVLREHIHIDGMPLHIIDTAGLREASDEVERIGIERAWQE
IEQADRVLFMVDGTTTDAVDPAEIWPEFIARLPAKLPITVVRNKADITGETLGMSEVNGHALIRLSARTGEGVDVLRNHL
KQSMGFDTNMEG
;
_entity_poly.pdbx_strand_id   A,B,C,D
#
loop_
_chem_comp.id
_chem_comp.type
_chem_comp.name
_chem_comp.formula
ALF non-polymer 'TETRAFLUOROALUMINATE ION' 'Al F4 -1'
GDP RNA linking GUANOSINE-5'-DIPHOSPHATE 'C10 H15 N5 O11 P2'
MG non-polymer 'MAGNESIUM ION' 'Mg 2'
RB non-polymer 'RUBIDIUM ION' 'Rb 1'
#
# COMPACT_ATOMS: atom_id res chain seq x y z
N GLY A 4 -17.73 1.93 14.65
CA GLY A 4 -18.81 2.72 15.33
C GLY A 4 -19.99 3.14 14.44
N MET A 5 -20.13 4.44 14.26
CA MET A 5 -21.27 4.96 13.52
C MET A 5 -21.04 4.99 12.01
N LYS A 6 -22.11 5.18 11.24
CA LYS A 6 -22.07 5.14 9.79
C LYS A 6 -22.09 6.57 9.18
N VAL A 7 -20.98 6.95 8.52
CA VAL A 7 -20.89 8.22 7.77
C VAL A 7 -20.97 7.94 6.27
N VAL A 8 -22.02 8.48 5.65
CA VAL A 8 -22.23 8.27 4.19
C VAL A 8 -21.88 9.53 3.35
N ILE A 9 -21.03 9.30 2.33
CA ILE A 9 -20.53 10.35 1.42
C ILE A 9 -21.42 10.37 0.21
N ALA A 10 -22.05 11.50 -0.05
CA ALA A 10 -23.13 11.56 -0.99
C ALA A 10 -23.05 12.87 -1.76
N GLY A 11 -23.66 12.91 -2.95
CA GLY A 11 -23.63 14.12 -3.70
C GLY A 11 -23.70 13.82 -5.16
N ARG A 12 -23.39 14.83 -5.97
CA ARG A 12 -23.51 14.68 -7.39
C ARG A 12 -22.25 13.92 -7.91
N PRO A 13 -22.36 13.30 -9.09
CA PRO A 13 -21.18 12.63 -9.75
C PRO A 13 -20.01 13.61 -9.90
N ASN A 14 -18.82 13.06 -9.76
CA ASN A 14 -17.56 13.84 -9.91
C ASN A 14 -17.28 14.91 -8.87
N ALA A 15 -18.06 14.92 -7.79
CA ALA A 15 -17.86 15.86 -6.67
C ALA A 15 -16.57 15.59 -5.92
N GLY A 16 -16.08 14.35 -5.94
CA GLY A 16 -14.85 13.99 -5.21
C GLY A 16 -15.10 13.12 -4.00
N LYS A 17 -16.16 12.33 -4.03
CA LYS A 17 -16.56 11.49 -2.95
C LYS A 17 -15.65 10.26 -2.76
N SER A 18 -15.28 9.58 -3.85
CA SER A 18 -14.26 8.51 -3.78
C SER A 18 -12.90 9.06 -3.37
N SER A 19 -12.56 10.25 -3.86
CA SER A 19 -11.33 10.96 -3.48
C SER A 19 -11.29 11.22 -1.98
N LEU A 20 -12.42 11.61 -1.39
CA LEU A 20 -12.53 11.75 0.03
C LEU A 20 -12.45 10.41 0.75
N LEU A 21 -13.20 9.39 0.29
CA LEU A 21 -13.07 8.09 0.93
C LEU A 21 -11.61 7.64 1.07
N ASN A 22 -10.82 7.81 0.00
CA ASN A 22 -9.41 7.34 -0.07
C ASN A 22 -8.53 8.21 0.82
N ALA A 23 -8.82 9.51 0.90
CA ALA A 23 -8.09 10.34 1.81
C ALA A 23 -8.33 10.01 3.31
N LEU A 24 -9.59 9.76 3.67
CA LEU A 24 -9.96 9.24 5.01
C LEU A 24 -9.40 7.84 5.30
N ALA A 25 -9.59 6.89 4.37
CA ALA A 25 -9.08 5.50 4.55
C ALA A 25 -7.57 5.42 4.56
N GLY A 26 -6.89 6.44 4.03
CA GLY A 26 -5.42 6.47 3.86
C GLY A 26 -4.90 5.45 2.86
N ARG A 27 -5.78 5.02 1.96
CA ARG A 27 -5.41 4.13 0.88
C ARG A 27 -6.45 4.19 -0.25
N GLU A 28 -6.13 3.59 -1.39
CA GLU A 28 -6.90 3.81 -2.61
C GLU A 28 -7.99 2.78 -2.79
N ALA A 29 -8.90 2.79 -1.81
CA ALA A 29 -10.01 1.88 -1.68
C ALA A 29 -10.95 1.94 -2.87
N ALA A 30 -11.28 3.16 -3.31
CA ALA A 30 -12.20 3.42 -4.42
C ALA A 30 -11.44 3.95 -5.65
N ILE A 31 -11.89 3.47 -6.80
CA ILE A 31 -11.40 3.96 -8.08
C ILE A 31 -11.84 5.39 -8.25
N VAL A 32 -10.89 6.23 -8.60
CA VAL A 32 -11.16 7.63 -8.85
C VAL A 32 -10.76 7.84 -10.32
N THR A 33 -11.64 8.53 -11.08
CA THR A 33 -11.30 8.99 -12.44
C THR A 33 -12.06 10.27 -12.72
N ASP A 34 -11.75 10.94 -13.86
CA ASP A 34 -12.48 12.13 -14.29
C ASP A 34 -13.83 11.79 -14.90
N ILE A 35 -14.17 10.48 -14.91
CA ILE A 35 -15.41 10.03 -15.58
C ILE A 35 -16.56 9.98 -14.60
N ALA A 36 -17.62 10.77 -14.86
CA ALA A 36 -18.80 10.64 -13.97
C ALA A 36 -19.39 9.22 -14.03
N GLY A 37 -19.86 8.69 -12.90
CA GLY A 37 -20.42 7.35 -12.91
C GLY A 37 -19.37 6.25 -12.77
N THR A 38 -18.27 6.58 -12.09
CA THR A 38 -17.22 5.63 -11.80
C THR A 38 -17.62 4.65 -10.73
N THR A 39 -17.96 5.17 -9.56
CA THR A 39 -18.52 4.41 -8.48
C THR A 39 -19.97 4.11 -8.79
N ARG A 40 -20.36 2.85 -8.58
CA ARG A 40 -21.76 2.41 -8.63
C ARG A 40 -22.06 1.57 -7.42
N ASP A 41 -21.39 0.40 -7.27
CA ASP A 41 -21.46 -0.34 -6.00
C ASP A 41 -21.12 0.59 -4.85
N VAL A 42 -21.75 0.30 -3.74
CA VAL A 42 -21.48 0.97 -2.48
C VAL A 42 -20.19 0.41 -1.90
N LEU A 43 -19.30 1.30 -1.46
CA LEU A 43 -18.04 0.92 -0.90
C LEU A 43 -17.99 1.34 0.55
N ARG A 44 -17.67 0.39 1.41
CA ARG A 44 -17.66 0.64 2.84
C ARG A 44 -16.28 0.46 3.31
N GLU A 45 -15.78 1.44 4.04
CA GLU A 45 -14.51 1.29 4.65
C GLU A 45 -14.72 1.44 6.13
N HIS A 46 -13.96 0.68 6.91
CA HIS A 46 -13.99 0.89 8.39
C HIS A 46 -12.70 1.58 8.75
N ILE A 47 -12.78 2.77 9.34
CA ILE A 47 -11.62 3.54 9.75
C ILE A 47 -11.61 3.83 11.27
N HIS A 48 -10.52 4.40 11.75
CA HIS A 48 -10.41 4.87 13.12
C HIS A 48 -9.88 6.29 13.14
N ILE A 49 -10.47 7.13 13.97
CA ILE A 49 -9.91 8.46 14.24
C ILE A 49 -9.73 8.60 15.72
N ASP A 50 -8.52 8.98 16.14
CA ASP A 50 -8.15 9.04 17.57
C ASP A 50 -8.70 7.84 18.33
N GLY A 51 -8.52 6.64 17.76
CA GLY A 51 -8.99 5.39 18.37
C GLY A 51 -10.48 5.14 18.14
N MET A 52 -11.24 6.22 17.85
CA MET A 52 -12.70 6.15 17.63
C MET A 52 -13.03 5.44 16.31
N PRO A 53 -13.71 4.27 16.37
CA PRO A 53 -13.96 3.53 15.14
C PRO A 53 -15.07 4.24 14.36
N LEU A 54 -15.00 4.16 13.03
CA LEU A 54 -15.99 4.83 12.19
C LEU A 54 -16.16 4.15 10.84
N HIS A 55 -17.41 3.92 10.44
CA HIS A 55 -17.72 3.42 9.11
C HIS A 55 -17.91 4.59 8.13
N ILE A 56 -17.25 4.52 6.97
CA ILE A 56 -17.32 5.51 5.89
C ILE A 56 -17.88 4.84 4.64
N ILE A 57 -18.95 5.36 4.10
CA ILE A 57 -19.60 4.69 2.96
C ILE A 57 -19.56 5.65 1.80
N ASP A 58 -19.00 5.14 0.69
CA ASP A 58 -18.87 5.88 -0.56
C ASP A 58 -20.01 5.35 -1.41
N THR A 59 -20.59 6.21 -2.22
CA THR A 59 -21.82 5.91 -3.00
C THR A 59 -21.69 6.52 -4.39
N ALA A 60 -22.46 6.00 -5.36
CA ALA A 60 -22.58 6.57 -6.68
C ALA A 60 -23.20 7.99 -6.65
N GLY A 61 -22.60 8.92 -7.39
CA GLY A 61 -23.16 10.28 -7.49
C GLY A 61 -24.58 10.23 -7.99
N LEU A 62 -25.41 11.09 -7.40
CA LEU A 62 -26.83 11.07 -7.71
C LEU A 62 -27.10 11.89 -8.96
N ARG A 63 -27.52 11.23 -10.04
CA ARG A 63 -27.93 11.93 -11.27
C ARG A 63 -28.97 11.09 -12.01
N GLU A 64 -29.46 11.61 -13.14
CA GLU A 64 -30.34 10.83 -14.02
C GLU A 64 -29.46 10.03 -14.97
N ALA A 65 -29.17 8.79 -14.64
CA ALA A 65 -28.10 8.06 -15.32
C ALA A 65 -28.63 7.21 -16.50
N SER A 66 -27.91 7.18 -17.63
CA SER A 66 -28.34 6.41 -18.81
C SER A 66 -27.95 4.94 -18.65
N ASP A 67 -26.92 4.72 -17.85
CA ASP A 67 -26.34 3.44 -17.61
C ASP A 67 -27.07 2.67 -16.48
N GLU A 68 -27.56 1.47 -16.82
CA GLU A 68 -28.37 0.66 -15.91
C GLU A 68 -27.67 0.28 -14.60
N VAL A 69 -26.37 -0.06 -14.69
CA VAL A 69 -25.64 -0.38 -13.45
C VAL A 69 -25.61 0.89 -12.57
N GLU A 70 -25.31 2.02 -13.18
CA GLU A 70 -25.27 3.30 -12.42
C GLU A 70 -26.64 3.69 -11.84
N ARG A 71 -27.73 3.51 -12.62
CA ARG A 71 -29.09 3.76 -12.11
C ARG A 71 -29.28 2.97 -10.84
N ILE A 72 -28.96 1.67 -10.91
CA ILE A 72 -29.01 0.79 -9.73
C ILE A 72 -28.12 1.26 -8.54
N GLY A 73 -26.89 1.68 -8.83
CA GLY A 73 -25.98 2.16 -7.72
C GLY A 73 -26.54 3.40 -7.03
N ILE A 74 -27.28 4.19 -7.80
CA ILE A 74 -27.92 5.44 -7.34
C ILE A 74 -29.03 5.11 -6.30
N GLU A 75 -29.82 4.06 -6.61
CA GLU A 75 -30.81 3.50 -5.70
C GLU A 75 -30.19 3.03 -4.41
N ARG A 76 -29.10 2.26 -4.55
CA ARG A 76 -28.40 1.77 -3.37
C ARG A 76 -27.77 2.93 -2.62
N ALA A 77 -27.18 3.89 -3.34
CA ALA A 77 -26.72 5.13 -2.72
C ALA A 77 -27.84 5.70 -1.81
N TRP A 78 -29.05 5.94 -2.33
CA TRP A 78 -30.16 6.45 -1.47
C TRP A 78 -30.48 5.58 -0.26
N GLN A 79 -30.48 4.27 -0.46
CA GLN A 79 -30.72 3.31 0.63
C GLN A 79 -29.66 3.29 1.72
N GLU A 80 -28.41 3.65 1.40
CA GLU A 80 -27.42 3.96 2.46
C GLU A 80 -27.64 5.28 3.14
N ILE A 81 -28.03 6.29 2.37
CA ILE A 81 -28.26 7.62 2.94
C ILE A 81 -29.34 7.48 4.02
N GLU A 82 -30.46 6.84 3.68
CA GLU A 82 -31.58 6.67 4.62
C GLU A 82 -31.11 6.10 5.92
N GLN A 83 -30.01 5.35 5.86
CA GLN A 83 -29.55 4.58 6.98
C GLN A 83 -28.32 5.14 7.69
N ALA A 84 -27.85 6.30 7.22
CA ALA A 84 -26.70 6.98 7.82
C ALA A 84 -27.00 7.59 9.20
N ASP A 85 -25.93 7.76 9.94
CA ASP A 85 -25.96 8.50 11.17
C ASP A 85 -25.55 9.93 10.88
N ARG A 86 -24.70 10.11 9.85
CA ARG A 86 -24.44 11.43 9.29
C ARG A 86 -24.23 11.34 7.77
N VAL A 87 -24.64 12.35 7.00
CA VAL A 87 -24.25 12.44 5.59
C VAL A 87 -23.19 13.50 5.39
N LEU A 88 -22.14 13.18 4.63
CA LEU A 88 -21.24 14.25 4.11
C LEU A 88 -21.75 14.59 2.72
N PHE A 89 -22.37 15.76 2.60
CA PHE A 89 -22.88 16.16 1.30
C PHE A 89 -21.77 16.88 0.55
N MET A 90 -21.16 16.16 -0.40
CA MET A 90 -19.99 16.61 -1.14
C MET A 90 -20.44 17.41 -2.36
N VAL A 91 -19.86 18.60 -2.52
CA VAL A 91 -20.18 19.51 -3.59
C VAL A 91 -18.87 19.93 -4.23
N ASP A 92 -18.85 19.83 -5.56
CA ASP A 92 -17.76 20.37 -6.36
C ASP A 92 -17.74 21.88 -6.23
N GLY A 93 -16.79 22.38 -5.44
CA GLY A 93 -16.71 23.85 -5.22
C GLY A 93 -16.62 24.74 -6.42
N THR A 94 -16.06 24.24 -7.52
CA THR A 94 -15.84 25.06 -8.75
C THR A 94 -17.14 25.19 -9.53
N THR A 95 -18.16 24.45 -9.10
CA THR A 95 -19.46 24.47 -9.81
C THR A 95 -20.44 25.51 -9.32
N THR A 96 -20.31 25.93 -8.06
CA THR A 96 -21.20 26.93 -7.49
C THR A 96 -20.49 27.66 -6.35
N ASP A 97 -20.82 28.94 -6.15
CA ASP A 97 -20.38 29.68 -4.95
C ASP A 97 -21.36 29.53 -3.80
N ALA A 98 -22.38 28.71 -3.99
CA ALA A 98 -23.34 28.52 -2.94
C ALA A 98 -22.80 27.70 -1.77
N VAL A 99 -23.22 28.07 -0.57
CA VAL A 99 -22.92 27.29 0.64
C VAL A 99 -24.14 26.60 1.23
N ASP A 100 -25.34 27.21 1.08
CA ASP A 100 -26.54 26.68 1.71
C ASP A 100 -26.98 25.47 0.92
N PRO A 101 -27.06 24.30 1.58
CA PRO A 101 -27.43 23.09 0.85
C PRO A 101 -28.77 23.28 0.10
N ALA A 102 -29.62 24.18 0.60
CA ALA A 102 -30.91 24.48 -0.01
C ALA A 102 -30.78 25.19 -1.36
N GLU A 103 -29.74 25.97 -1.53
CA GLU A 103 -29.40 26.60 -2.80
C GLU A 103 -28.64 25.63 -3.70
N ILE A 104 -27.87 24.69 -3.14
CA ILE A 104 -27.16 23.70 -3.96
C ILE A 104 -28.04 22.52 -4.51
N TRP A 105 -28.84 21.88 -3.67
CA TRP A 105 -29.80 20.88 -4.16
C TRP A 105 -31.00 20.67 -3.24
N PRO A 106 -32.04 21.54 -3.36
CA PRO A 106 -33.08 21.43 -2.33
C PRO A 106 -33.73 20.05 -2.28
N GLU A 107 -34.07 19.46 -3.44
CA GLU A 107 -34.69 18.12 -3.54
C GLU A 107 -34.00 17.07 -2.68
N PHE A 108 -32.67 17.02 -2.80
CA PHE A 108 -31.82 16.10 -2.09
C PHE A 108 -31.95 16.36 -0.61
N ILE A 109 -31.69 17.59 -0.19
CA ILE A 109 -31.75 17.91 1.22
C ILE A 109 -33.10 17.56 1.82
N ALA A 110 -34.20 17.93 1.17
CA ALA A 110 -35.55 17.67 1.73
C ALA A 110 -35.89 16.17 1.90
N ARG A 111 -35.35 15.34 1.02
CA ARG A 111 -35.69 13.88 1.00
C ARG A 111 -35.04 13.13 2.15
N LEU A 112 -34.00 13.72 2.72
CA LEU A 112 -33.34 13.02 3.81
C LEU A 112 -34.28 12.76 4.99
N PRO A 113 -34.01 11.65 5.74
CA PRO A 113 -34.76 11.45 6.96
C PRO A 113 -34.63 12.62 7.93
N ALA A 114 -35.77 12.93 8.54
CA ALA A 114 -35.94 14.04 9.46
C ALA A 114 -34.76 14.25 10.37
N LYS A 115 -34.28 13.18 11.01
CA LYS A 115 -33.30 13.34 12.10
C LYS A 115 -31.83 13.54 11.62
N LEU A 116 -31.60 13.34 10.32
CA LEU A 116 -30.24 13.05 9.82
C LEU A 116 -29.41 14.31 9.65
N PRO A 117 -28.30 14.40 10.41
CA PRO A 117 -27.53 15.59 10.21
C PRO A 117 -26.58 15.50 8.99
N ILE A 118 -26.26 16.66 8.47
CA ILE A 118 -25.43 16.72 7.29
C ILE A 118 -24.34 17.71 7.46
N THR A 119 -23.19 17.36 6.90
CA THR A 119 -22.05 18.24 6.88
C THR A 119 -21.92 18.53 5.41
N VAL A 120 -22.04 19.82 5.07
CA VAL A 120 -21.77 20.32 3.72
C VAL A 120 -20.26 20.41 3.49
N VAL A 121 -19.79 19.66 2.51
CA VAL A 121 -18.36 19.68 2.26
C VAL A 121 -18.18 20.37 0.93
N ARG A 122 -17.50 21.51 0.92
CA ARG A 122 -17.19 22.14 -0.35
C ARG A 122 -15.79 21.75 -0.74
N ASN A 123 -15.77 20.73 -1.59
CA ASN A 123 -14.57 20.12 -2.17
C ASN A 123 -13.92 20.95 -3.31
N LYS A 124 -12.67 20.61 -3.67
CA LYS A 124 -11.88 21.24 -4.72
C LYS A 124 -11.41 22.66 -4.33
N ALA A 125 -11.13 22.88 -3.05
CA ALA A 125 -10.72 24.21 -2.53
C ALA A 125 -9.34 24.59 -3.05
N ASP A 126 -8.55 23.58 -3.47
CA ASP A 126 -7.28 23.84 -4.19
C ASP A 126 -7.55 24.64 -5.45
N ILE A 127 -8.75 24.53 -6.05
CA ILE A 127 -9.01 25.28 -7.32
C ILE A 127 -9.70 26.62 -7.02
N THR A 128 -10.64 26.62 -6.07
CA THR A 128 -11.40 27.84 -5.78
C THR A 128 -10.55 28.83 -4.97
N GLY A 129 -9.61 28.29 -4.19
CA GLY A 129 -8.75 29.08 -3.34
C GLY A 129 -9.48 29.50 -2.07
N GLU A 130 -10.60 28.85 -1.74
CA GLU A 130 -11.36 29.27 -0.58
C GLU A 130 -10.60 28.81 0.64
N THR A 131 -10.68 29.58 1.72
CA THR A 131 -10.07 29.23 3.02
C THR A 131 -10.55 27.92 3.63
N LEU A 132 -9.61 27.05 3.98
CA LEU A 132 -9.93 25.77 4.59
C LEU A 132 -10.41 25.93 6.01
N GLY A 133 -11.23 25.00 6.45
CA GLY A 133 -11.57 24.91 7.85
C GLY A 133 -13.07 24.87 7.99
N MET A 134 -13.54 25.27 9.17
CA MET A 134 -14.90 24.95 9.54
C MET A 134 -15.72 26.18 9.69
N SER A 135 -16.96 26.04 9.24
CA SER A 135 -17.93 27.07 9.47
C SER A 135 -19.29 26.38 9.61
N GLU A 136 -20.34 27.15 9.34
CA GLU A 136 -21.69 26.70 9.57
C GLU A 136 -22.52 27.37 8.51
N VAL A 137 -23.50 26.68 7.93
CA VAL A 137 -24.56 27.39 7.19
C VAL A 137 -25.97 26.93 7.60
N ASN A 138 -26.83 27.88 7.98
CA ASN A 138 -28.22 27.53 8.32
C ASN A 138 -28.32 26.34 9.31
N GLY A 139 -27.42 26.27 10.29
CA GLY A 139 -27.43 25.17 11.23
C GLY A 139 -26.64 23.92 10.83
N HIS A 140 -26.39 23.73 9.52
CA HIS A 140 -25.43 22.68 9.02
C HIS A 140 -23.92 22.99 9.18
N ALA A 141 -23.17 21.98 9.57
CA ALA A 141 -21.72 22.08 9.62
C ALA A 141 -21.26 22.31 8.17
N LEU A 142 -20.21 23.10 7.97
CA LEU A 142 -19.70 23.41 6.63
C LEU A 142 -18.15 23.42 6.55
N ILE A 143 -17.64 22.66 5.62
CA ILE A 143 -16.20 22.47 5.54
C ILE A 143 -15.70 22.61 4.12
N ARG A 144 -14.62 23.35 4.00
CA ARG A 144 -14.00 23.61 2.72
C ARG A 144 -12.67 22.85 2.78
N LEU A 145 -12.44 21.97 1.78
CA LEU A 145 -11.29 21.07 1.79
C LEU A 145 -10.95 20.68 0.36
N SER A 146 -9.78 20.05 0.18
CA SER A 146 -9.44 19.38 -1.06
C SER A 146 -9.15 17.91 -0.75
N ALA A 147 -10.03 17.05 -1.24
CA ALA A 147 -9.84 15.62 -1.09
C ALA A 147 -8.64 15.17 -1.92
N ARG A 148 -8.38 15.81 -3.05
CA ARG A 148 -7.23 15.42 -3.92
C ARG A 148 -5.87 15.69 -3.29
N THR A 149 -5.75 16.83 -2.66
CA THR A 149 -4.48 17.23 -2.03
C THR A 149 -4.43 16.83 -0.57
N GLY A 150 -5.59 16.59 0.03
CA GLY A 150 -5.67 16.32 1.45
C GLY A 150 -5.77 17.53 2.37
N GLU A 151 -5.66 18.75 1.80
CA GLU A 151 -5.80 20.04 2.51
C GLU A 151 -7.19 20.16 3.12
N GLY A 152 -7.27 20.45 4.43
CA GLY A 152 -8.56 20.56 5.11
C GLY A 152 -9.19 19.28 5.58
N VAL A 153 -8.60 18.13 5.26
CA VAL A 153 -9.18 16.85 5.64
C VAL A 153 -8.98 16.52 7.12
N ASP A 154 -7.93 17.02 7.73
CA ASP A 154 -7.80 16.87 9.21
C ASP A 154 -8.94 17.57 9.88
N VAL A 155 -9.35 18.72 9.35
CA VAL A 155 -10.48 19.46 9.97
C VAL A 155 -11.69 18.55 9.93
N LEU A 156 -11.93 17.93 8.78
CA LEU A 156 -12.97 16.89 8.67
C LEU A 156 -12.83 15.77 9.69
N ARG A 157 -11.63 15.19 9.79
CA ARG A 157 -11.39 14.11 10.75
C ARG A 157 -11.75 14.58 12.18
N ASN A 158 -11.34 15.79 12.54
CA ASN A 158 -11.63 16.33 13.88
C ASN A 158 -13.12 16.58 14.10
N HIS A 159 -13.79 17.11 13.07
CA HIS A 159 -15.23 17.30 13.08
C HIS A 159 -15.96 15.96 13.20
N LEU A 160 -15.42 14.90 12.56
CA LEU A 160 -16.04 13.59 12.70
C LEU A 160 -15.93 13.03 14.14
N LYS A 161 -14.79 13.26 14.80
CA LYS A 161 -14.57 12.82 16.19
C LYS A 161 -15.40 13.62 17.19
N GLN A 162 -15.45 14.94 17.03
CA GLN A 162 -16.22 15.82 17.93
C GLN A 162 -17.71 15.60 17.76
N SER A 163 -18.15 15.42 16.51
CA SER A 163 -19.58 15.36 16.17
C SER A 163 -20.22 14.02 16.51
N MET A 164 -19.39 12.99 16.62
CA MET A 164 -19.92 11.66 16.81
C MET A 164 -19.21 10.83 17.89
N MET B 5 -8.06 -14.72 6.68
CA MET B 5 -7.39 -15.03 5.37
C MET B 5 -8.16 -14.39 4.21
N LYS B 6 -7.44 -14.07 3.13
CA LYS B 6 -8.02 -13.36 1.98
C LYS B 6 -8.43 -14.36 0.91
N VAL B 7 -9.72 -14.46 0.63
CA VAL B 7 -10.20 -15.30 -0.45
C VAL B 7 -10.82 -14.50 -1.62
N VAL B 8 -10.18 -14.59 -2.79
CA VAL B 8 -10.52 -13.68 -3.87
C VAL B 8 -11.36 -14.43 -4.82
N ILE B 9 -12.49 -13.84 -5.17
CA ILE B 9 -13.35 -14.40 -6.22
C ILE B 9 -12.99 -13.81 -7.60
N ALA B 10 -12.60 -14.67 -8.56
CA ALA B 10 -12.04 -14.18 -9.84
C ALA B 10 -12.38 -15.10 -10.94
N GLY B 11 -12.41 -14.54 -12.14
CA GLY B 11 -12.77 -15.28 -13.32
C GLY B 11 -13.25 -14.30 -14.35
N ARG B 12 -13.83 -14.84 -15.40
CA ARG B 12 -14.33 -14.06 -16.52
C ARG B 12 -15.55 -13.19 -16.13
N PRO B 13 -15.91 -12.19 -16.95
CA PRO B 13 -17.13 -11.46 -16.63
C PRO B 13 -18.37 -12.39 -16.61
N ASN B 14 -19.37 -12.08 -15.82
CA ASN B 14 -20.64 -12.84 -15.87
C ASN B 14 -20.62 -14.32 -15.42
N ALA B 15 -19.49 -14.75 -14.85
CA ALA B 15 -19.32 -16.04 -14.13
C ALA B 15 -20.21 -16.24 -12.90
N GLY B 16 -20.58 -15.11 -12.28
CA GLY B 16 -21.43 -15.11 -11.12
C GLY B 16 -20.70 -14.80 -9.84
N LYS B 17 -19.63 -13.99 -9.93
CA LYS B 17 -18.74 -13.72 -8.80
C LYS B 17 -19.40 -12.95 -7.66
N SER B 18 -20.23 -12.00 -8.05
CA SER B 18 -20.91 -11.12 -7.11
C SER B 18 -22.08 -11.82 -6.46
N SER B 19 -22.67 -12.79 -7.17
CA SER B 19 -23.77 -13.59 -6.61
C SER B 19 -23.26 -14.40 -5.49
N LEU B 20 -22.06 -14.95 -5.69
CA LEU B 20 -21.43 -15.74 -4.68
C LEU B 20 -20.94 -14.90 -3.54
N LEU B 21 -20.43 -13.70 -3.85
CA LEU B 21 -20.04 -12.81 -2.78
C LEU B 21 -21.28 -12.57 -1.89
N ASN B 22 -22.40 -12.29 -2.52
CA ASN B 22 -23.68 -12.04 -1.84
C ASN B 22 -24.21 -13.24 -1.06
N ALA B 23 -24.04 -14.44 -1.62
CA ALA B 23 -24.43 -15.71 -0.96
C ALA B 23 -23.52 -15.93 0.22
N LEU B 24 -22.21 -15.82 0.02
CA LEU B 24 -21.30 -15.91 1.16
C LEU B 24 -21.49 -14.83 2.17
N ALA B 25 -21.87 -13.64 1.72
CA ALA B 25 -22.07 -12.53 2.67
C ALA B 25 -23.39 -12.60 3.44
N GLY B 26 -24.46 -13.13 2.83
CA GLY B 26 -25.82 -13.09 3.36
C GLY B 26 -26.45 -11.69 3.37
N ARG B 27 -26.47 -11.05 2.20
CA ARG B 27 -26.51 -9.59 2.09
C ARG B 27 -26.30 -9.17 0.64
N GLU B 28 -27.06 -8.16 0.19
CA GLU B 28 -26.91 -7.66 -1.17
C GLU B 28 -25.70 -6.72 -1.25
N ALA B 29 -24.52 -7.26 -1.02
CA ALA B 29 -23.29 -6.47 -0.91
C ALA B 29 -22.77 -5.96 -2.29
N ALA B 30 -22.85 -6.79 -3.33
CA ALA B 30 -22.47 -6.39 -4.68
C ALA B 30 -23.67 -6.28 -5.58
N ILE B 31 -23.68 -5.30 -6.49
CA ILE B 31 -24.69 -5.30 -7.56
C ILE B 31 -24.51 -6.51 -8.49
N VAL B 32 -25.64 -7.04 -8.99
CA VAL B 32 -25.64 -8.28 -9.78
C VAL B 32 -26.56 -7.99 -10.98
N THR B 33 -26.00 -8.09 -12.19
CA THR B 33 -26.74 -7.94 -13.45
C THR B 33 -26.13 -8.88 -14.51
N ASP B 34 -26.79 -9.02 -15.67
CA ASP B 34 -26.27 -9.85 -16.78
C ASP B 34 -25.34 -9.11 -17.70
N ILE B 35 -25.14 -7.81 -17.41
CA ILE B 35 -24.25 -6.96 -18.14
C ILE B 35 -22.84 -7.26 -17.66
N ALA B 36 -22.00 -7.73 -18.58
CA ALA B 36 -20.59 -7.92 -18.30
C ALA B 36 -19.91 -6.56 -17.99
N GLY B 37 -19.12 -6.54 -16.92
CA GLY B 37 -18.51 -5.32 -16.42
C GLY B 37 -19.39 -4.55 -15.46
N THR B 38 -20.15 -5.26 -14.64
CA THR B 38 -20.99 -4.66 -13.61
C THR B 38 -20.08 -4.26 -12.44
N THR B 39 -19.35 -5.23 -11.85
CA THR B 39 -18.28 -4.93 -10.85
C THR B 39 -17.07 -4.35 -11.55
N ARG B 40 -16.59 -3.22 -11.01
CA ARG B 40 -15.28 -2.62 -11.39
C ARG B 40 -14.47 -2.44 -10.12
N ASP B 41 -15.00 -1.67 -9.16
CA ASP B 41 -14.39 -1.62 -7.82
C ASP B 41 -14.25 -2.98 -7.16
N VAL B 42 -13.17 -3.15 -6.42
CA VAL B 42 -13.02 -4.29 -5.47
C VAL B 42 -14.00 -4.13 -4.28
N LEU B 43 -14.68 -5.21 -3.97
CA LEU B 43 -15.71 -5.25 -2.98
C LEU B 43 -15.23 -6.31 -2.02
N ARG B 44 -15.10 -5.92 -0.73
CA ARG B 44 -14.65 -6.83 0.32
C ARG B 44 -15.76 -6.98 1.34
N GLU B 45 -15.91 -8.21 1.84
CA GLU B 45 -16.85 -8.52 2.90
C GLU B 45 -16.13 -9.41 3.88
N HIS B 46 -16.21 -9.03 5.15
CA HIS B 46 -15.63 -9.80 6.22
C HIS B 46 -16.71 -10.77 6.76
N ILE B 47 -16.43 -12.08 6.69
CA ILE B 47 -17.34 -13.08 7.20
C ILE B 47 -16.68 -14.01 8.25
N HIS B 48 -17.48 -14.92 8.79
CA HIS B 48 -16.99 -15.91 9.77
C HIS B 48 -17.70 -17.21 9.42
N ILE B 49 -16.97 -18.30 9.28
CA ILE B 49 -17.63 -19.59 9.02
C ILE B 49 -18.03 -20.22 10.36
N ASP B 50 -17.05 -20.79 11.05
CA ASP B 50 -17.29 -21.54 12.28
C ASP B 50 -16.09 -21.25 13.14
N GLY B 51 -16.03 -20.04 13.68
CA GLY B 51 -14.85 -19.62 14.43
C GLY B 51 -13.66 -19.19 13.60
N MET B 52 -13.78 -19.29 12.25
CA MET B 52 -12.71 -18.88 11.31
C MET B 52 -13.11 -17.61 10.55
N PRO B 53 -12.40 -16.50 10.79
CA PRO B 53 -12.79 -15.27 10.10
C PRO B 53 -12.01 -15.14 8.78
N LEU B 54 -12.70 -14.69 7.72
CA LEU B 54 -11.99 -14.39 6.47
C LEU B 54 -12.56 -13.21 5.70
N HIS B 55 -11.70 -12.56 4.91
CA HIS B 55 -12.13 -11.53 3.96
C HIS B 55 -12.39 -12.19 2.63
N ILE B 56 -13.61 -12.01 2.15
CA ILE B 56 -13.95 -12.47 0.85
C ILE B 56 -14.02 -11.25 -0.07
N ILE B 57 -13.33 -11.35 -1.19
CA ILE B 57 -13.01 -10.20 -2.07
C ILE B 57 -13.55 -10.43 -3.50
N ASP B 58 -14.52 -9.60 -3.88
CA ASP B 58 -15.16 -9.69 -5.16
C ASP B 58 -14.43 -8.73 -6.09
N THR B 59 -14.24 -9.16 -7.34
CA THR B 59 -13.39 -8.43 -8.30
C THR B 59 -14.07 -8.29 -9.64
N ALA B 60 -13.66 -7.29 -10.42
CA ALA B 60 -14.05 -7.22 -11.86
C ALA B 60 -13.70 -8.48 -12.67
N GLY B 61 -14.65 -8.97 -13.49
CA GLY B 61 -14.39 -10.07 -14.42
C GLY B 61 -13.18 -9.74 -15.28
N LEU B 62 -12.23 -10.67 -15.37
CA LEU B 62 -10.98 -10.40 -16.11
C LEU B 62 -11.20 -10.42 -17.62
N ARG B 63 -10.67 -9.41 -18.31
CA ARG B 63 -10.61 -9.37 -19.76
C ARG B 63 -9.78 -8.16 -20.15
N GLU B 64 -9.66 -7.90 -21.46
CA GLU B 64 -9.09 -6.63 -21.94
C GLU B 64 -10.27 -5.71 -22.19
N ALA B 65 -10.41 -4.69 -21.35
CA ALA B 65 -11.59 -3.81 -21.35
C ALA B 65 -11.27 -2.45 -21.96
N SER B 66 -12.21 -1.94 -22.76
CA SER B 66 -12.13 -0.58 -23.27
C SER B 66 -12.90 0.36 -22.35
N ASP B 67 -13.67 -0.16 -21.42
CA ASP B 67 -14.27 0.71 -20.45
C ASP B 67 -13.20 1.06 -19.40
N GLU B 68 -12.80 2.34 -19.32
CA GLU B 68 -11.64 2.76 -18.51
C GLU B 68 -11.74 2.36 -17.06
N VAL B 69 -12.87 2.67 -16.42
CA VAL B 69 -13.09 2.22 -15.05
C VAL B 69 -12.96 0.71 -14.84
N GLU B 70 -13.52 -0.07 -15.75
CA GLU B 70 -13.41 -1.52 -15.69
C GLU B 70 -11.97 -1.95 -15.93
N ARG B 71 -11.34 -1.34 -16.94
CA ARG B 71 -9.92 -1.52 -17.14
C ARG B 71 -9.12 -1.38 -15.82
N ILE B 72 -9.40 -0.29 -15.09
CA ILE B 72 -8.78 -0.11 -13.76
C ILE B 72 -9.20 -1.17 -12.75
N GLY B 73 -10.48 -1.54 -12.76
CA GLY B 73 -10.91 -2.55 -11.84
C GLY B 73 -10.22 -3.89 -12.05
N ILE B 74 -9.90 -4.19 -13.30
CA ILE B 74 -9.21 -5.44 -13.69
C ILE B 74 -7.72 -5.43 -13.22
N GLU B 75 -7.08 -4.27 -13.35
CA GLU B 75 -5.77 -4.03 -12.74
C GLU B 75 -5.84 -4.42 -11.24
N ARG B 76 -6.81 -3.85 -10.51
CA ARG B 76 -6.90 -4.06 -9.08
C ARG B 76 -7.21 -5.52 -8.76
N ALA B 77 -8.03 -6.16 -9.59
CA ALA B 77 -8.40 -7.59 -9.42
C ALA B 77 -7.17 -8.47 -9.41
N TRP B 78 -6.29 -8.23 -10.38
CA TRP B 78 -4.96 -8.89 -10.46
C TRP B 78 -4.11 -8.60 -9.26
N GLN B 79 -4.10 -7.35 -8.82
CA GLN B 79 -3.48 -6.96 -7.55
C GLN B 79 -4.07 -7.72 -6.33
N GLU B 80 -5.40 -7.93 -6.30
CA GLU B 80 -6.02 -8.75 -5.18
C GLU B 80 -5.54 -10.24 -5.22
N ILE B 81 -5.59 -10.80 -6.40
CA ILE B 81 -4.98 -12.12 -6.67
C ILE B 81 -3.57 -12.29 -6.12
N GLU B 82 -2.73 -11.26 -6.37
CA GLU B 82 -1.34 -11.24 -5.90
C GLU B 82 -1.21 -11.37 -4.38
N GLN B 83 -2.17 -10.83 -3.67
CA GLN B 83 -2.20 -10.88 -2.21
C GLN B 83 -3.08 -11.98 -1.63
N ALA B 84 -3.80 -12.72 -2.47
CA ALA B 84 -4.72 -13.77 -2.01
C ALA B 84 -4.02 -14.95 -1.31
N ASP B 85 -4.80 -15.57 -0.41
CA ASP B 85 -4.42 -16.81 0.26
C ASP B 85 -5.07 -17.98 -0.43
N ARG B 86 -6.17 -17.68 -1.12
CA ARG B 86 -6.87 -18.65 -1.93
C ARG B 86 -7.63 -17.91 -3.04
N VAL B 87 -7.64 -18.46 -4.24
CA VAL B 87 -8.54 -17.93 -5.29
C VAL B 87 -9.67 -18.89 -5.53
N LEU B 88 -10.88 -18.33 -5.62
CA LEU B 88 -12.00 -19.12 -6.12
C LEU B 88 -12.15 -18.75 -7.56
N PHE B 89 -11.70 -19.64 -8.42
CA PHE B 89 -11.84 -19.47 -9.83
C PHE B 89 -13.24 -19.88 -10.29
N MET B 90 -14.06 -18.85 -10.50
CA MET B 90 -15.46 -18.95 -10.94
C MET B 90 -15.64 -19.06 -12.43
N VAL B 91 -16.40 -20.09 -12.82
CA VAL B 91 -16.66 -20.47 -14.20
C VAL B 91 -18.19 -20.62 -14.38
N ASP B 92 -18.71 -20.00 -15.44
CA ASP B 92 -20.08 -20.20 -15.87
C ASP B 92 -20.10 -21.57 -16.59
N GLY B 93 -20.65 -22.56 -15.92
CA GLY B 93 -20.72 -23.93 -16.46
C GLY B 93 -21.43 -24.08 -17.78
N THR B 94 -22.31 -23.12 -18.09
CA THR B 94 -23.07 -23.19 -19.31
C THR B 94 -22.19 -22.92 -20.53
N THR B 95 -21.00 -22.38 -20.28
CA THR B 95 -20.10 -21.98 -21.34
C THR B 95 -19.10 -23.04 -21.75
N THR B 96 -18.97 -24.10 -20.94
CA THR B 96 -17.99 -25.17 -21.16
C THR B 96 -18.27 -26.40 -20.31
N ASP B 97 -18.04 -27.59 -20.85
CA ASP B 97 -18.18 -28.81 -20.05
C ASP B 97 -16.84 -29.17 -19.45
N ALA B 98 -15.79 -28.47 -19.90
CA ALA B 98 -14.44 -28.69 -19.35
C ALA B 98 -14.44 -28.51 -17.82
N VAL B 99 -13.76 -29.41 -17.10
CA VAL B 99 -13.58 -29.28 -15.63
C VAL B 99 -12.12 -28.94 -15.21
N ASP B 100 -11.12 -29.42 -15.96
CA ASP B 100 -9.74 -29.02 -15.74
C ASP B 100 -9.57 -27.53 -16.11
N PRO B 101 -9.10 -26.72 -15.15
CA PRO B 101 -9.07 -25.28 -15.45
C PRO B 101 -8.05 -24.92 -16.51
N ALA B 102 -7.05 -25.81 -16.73
CA ALA B 102 -6.11 -25.61 -17.82
C ALA B 102 -6.85 -25.74 -19.14
N GLU B 103 -7.93 -26.52 -19.17
CA GLU B 103 -8.78 -26.58 -20.38
C GLU B 103 -9.75 -25.38 -20.50
N ILE B 104 -10.09 -24.76 -19.37
CA ILE B 104 -11.10 -23.67 -19.28
C ILE B 104 -10.42 -22.36 -19.64
N TRP B 105 -9.30 -22.09 -19.00
CA TRP B 105 -8.59 -20.86 -19.28
C TRP B 105 -7.12 -20.94 -18.81
N PRO B 106 -6.22 -21.59 -19.63
CA PRO B 106 -4.85 -21.88 -19.24
C PRO B 106 -4.05 -20.59 -18.95
N GLU B 107 -4.29 -19.57 -19.76
CA GLU B 107 -3.66 -18.24 -19.62
C GLU B 107 -3.78 -17.65 -18.20
N PHE B 108 -5.01 -17.62 -17.71
CA PHE B 108 -5.33 -17.24 -16.33
C PHE B 108 -4.61 -18.12 -15.29
N ILE B 109 -4.75 -19.43 -15.41
CA ILE B 109 -4.16 -20.31 -14.44
C ILE B 109 -2.64 -20.16 -14.36
N ALA B 110 -2.02 -20.09 -15.54
CA ALA B 110 -0.57 -19.99 -15.67
C ALA B 110 -0.02 -18.68 -15.09
N ARG B 111 -0.82 -17.60 -15.16
CA ARG B 111 -0.45 -16.27 -14.62
C ARG B 111 -0.53 -16.13 -13.09
N LEU B 112 -1.27 -17.03 -12.46
CA LEU B 112 -1.48 -16.96 -11.00
C LEU B 112 -0.22 -17.18 -10.19
N PRO B 113 -0.08 -16.47 -9.06
CA PRO B 113 1.11 -16.68 -8.22
C PRO B 113 1.38 -18.18 -8.00
N ALA B 114 2.64 -18.59 -8.14
CA ALA B 114 2.99 -20.00 -7.92
C ALA B 114 2.53 -20.52 -6.56
N LYS B 115 2.04 -21.76 -6.48
CA LYS B 115 1.45 -22.23 -5.19
C LYS B 115 0.40 -21.26 -4.48
N LEU B 116 -0.31 -20.39 -5.23
CA LEU B 116 -1.57 -19.84 -4.69
C LEU B 116 -2.57 -20.93 -4.99
N PRO B 117 -3.23 -21.48 -3.94
CA PRO B 117 -4.20 -22.52 -4.14
C PRO B 117 -5.47 -22.02 -4.80
N ILE B 118 -5.96 -22.87 -5.68
CA ILE B 118 -7.07 -22.56 -6.53
C ILE B 118 -8.19 -23.53 -6.14
N THR B 119 -9.37 -23.01 -5.80
CA THR B 119 -10.62 -23.77 -5.88
C THR B 119 -11.39 -23.38 -7.16
N VAL B 120 -11.65 -24.36 -8.00
CA VAL B 120 -12.43 -24.23 -9.26
C VAL B 120 -13.94 -24.39 -8.95
N VAL B 121 -14.74 -23.41 -9.39
CA VAL B 121 -16.15 -23.34 -9.01
C VAL B 121 -16.97 -23.23 -10.26
N ARG B 122 -17.52 -24.35 -10.67
CA ARG B 122 -18.44 -24.41 -11.76
C ARG B 122 -19.82 -23.92 -11.27
N ASN B 123 -20.20 -22.72 -11.71
CA ASN B 123 -21.38 -22.08 -11.16
C ASN B 123 -22.54 -22.24 -12.14
N LYS B 124 -23.74 -21.84 -11.72
CA LYS B 124 -24.97 -21.98 -12.49
C LYS B 124 -25.31 -23.46 -12.77
N ALA B 125 -25.05 -24.29 -11.78
CA ALA B 125 -25.45 -25.71 -11.84
C ALA B 125 -26.96 -25.86 -12.06
N ASP B 126 -27.70 -24.77 -11.91
CA ASP B 126 -29.15 -24.78 -12.00
C ASP B 126 -29.61 -24.82 -13.44
N ILE B 127 -28.72 -24.43 -14.34
CA ILE B 127 -29.00 -24.45 -15.76
C ILE B 127 -28.39 -25.73 -16.33
N THR B 128 -27.20 -26.10 -15.84
CA THR B 128 -26.47 -27.27 -16.37
C THR B 128 -27.17 -28.59 -16.00
N GLY B 129 -27.56 -28.73 -14.74
CA GLY B 129 -28.11 -29.97 -14.23
C GLY B 129 -27.01 -30.81 -13.60
N GLU B 130 -25.78 -30.32 -13.74
CA GLU B 130 -24.64 -30.85 -13.01
C GLU B 130 -24.98 -31.28 -11.61
N THR B 131 -24.36 -32.40 -11.24
CA THR B 131 -24.44 -32.87 -9.87
C THR B 131 -23.65 -31.97 -8.95
N LEU B 132 -24.26 -31.59 -7.85
CA LEU B 132 -23.72 -30.60 -6.94
C LEU B 132 -22.65 -31.18 -6.05
N GLY B 133 -21.77 -30.31 -5.57
CA GLY B 133 -20.83 -30.68 -4.56
C GLY B 133 -19.37 -30.66 -4.99
N MET B 134 -18.55 -31.16 -4.09
CA MET B 134 -17.11 -31.05 -4.17
C MET B 134 -16.49 -32.24 -4.91
N SER B 135 -15.37 -31.99 -5.60
CA SER B 135 -14.46 -33.05 -6.06
C SER B 135 -13.07 -32.48 -6.32
N GLU B 136 -12.29 -33.13 -7.18
CA GLU B 136 -10.92 -32.70 -7.41
C GLU B 136 -10.46 -33.00 -8.82
N VAL B 137 -9.84 -31.99 -9.43
CA VAL B 137 -9.27 -32.11 -10.74
C VAL B 137 -7.78 -31.70 -10.76
N ASN B 138 -6.92 -32.59 -11.27
CA ASN B 138 -5.50 -32.32 -11.38
C ASN B 138 -4.95 -31.72 -10.06
N GLY B 139 -5.57 -32.12 -8.96
CA GLY B 139 -5.10 -31.71 -7.67
C GLY B 139 -5.76 -30.40 -7.24
N HIS B 140 -6.61 -29.83 -8.09
CA HIS B 140 -7.33 -28.61 -7.72
C HIS B 140 -8.68 -29.02 -7.18
N ALA B 141 -9.09 -28.46 -6.04
CA ALA B 141 -10.48 -28.51 -5.57
C ALA B 141 -11.50 -28.02 -6.61
N LEU B 142 -12.66 -28.67 -6.67
CA LEU B 142 -13.66 -28.41 -7.69
C LEU B 142 -15.10 -28.52 -7.14
N ILE B 143 -15.75 -27.37 -6.98
CA ILE B 143 -17.05 -27.35 -6.31
C ILE B 143 -18.07 -26.97 -7.36
N ARG B 144 -19.19 -27.70 -7.40
CA ARG B 144 -20.28 -27.39 -8.29
C ARG B 144 -21.44 -26.81 -7.47
N LEU B 145 -21.77 -25.54 -7.70
CA LEU B 145 -22.78 -24.84 -6.90
C LEU B 145 -23.70 -24.00 -7.75
N SER B 146 -24.68 -23.35 -7.11
CA SER B 146 -25.43 -22.26 -7.73
C SER B 146 -25.38 -21.11 -6.73
N ALA B 147 -24.76 -20.02 -7.17
CA ALA B 147 -24.54 -18.85 -6.32
C ALA B 147 -25.90 -18.16 -6.20
N ARG B 148 -26.64 -18.16 -7.30
CA ARG B 148 -27.98 -17.61 -7.41
C ARG B 148 -29.05 -18.29 -6.56
N THR B 149 -29.03 -19.61 -6.47
CA THR B 149 -30.08 -20.28 -5.72
C THR B 149 -29.57 -20.76 -4.37
N GLY B 150 -28.26 -20.59 -4.11
CA GLY B 150 -27.61 -21.01 -2.86
C GLY B 150 -27.28 -22.51 -2.82
N GLU B 151 -27.80 -23.21 -3.82
CA GLU B 151 -27.70 -24.66 -3.95
C GLU B 151 -26.26 -25.15 -3.92
N GLY B 152 -25.78 -25.58 -2.76
CA GLY B 152 -24.44 -26.18 -2.70
C GLY B 152 -23.36 -25.23 -2.25
N VAL B 153 -23.75 -24.02 -1.88
CA VAL B 153 -22.83 -23.03 -1.35
C VAL B 153 -22.37 -23.42 0.03
N ASP B 154 -23.10 -24.36 0.66
CA ASP B 154 -22.76 -24.83 2.00
C ASP B 154 -21.46 -25.61 2.02
N VAL B 155 -21.31 -26.48 1.03
CA VAL B 155 -20.12 -27.31 0.89
C VAL B 155 -18.85 -26.40 0.76
N LEU B 156 -18.93 -25.42 -0.14
CA LEU B 156 -17.91 -24.35 -0.23
C LEU B 156 -17.61 -23.71 1.14
N ARG B 157 -18.62 -23.44 1.95
CA ARG B 157 -18.35 -22.88 3.29
C ARG B 157 -17.48 -23.82 4.14
N ASN B 158 -17.82 -25.10 4.13
CA ASN B 158 -17.04 -26.10 4.86
C ASN B 158 -15.64 -26.28 4.26
N HIS B 159 -15.60 -26.36 2.92
CA HIS B 159 -14.32 -26.41 2.17
C HIS B 159 -13.36 -25.33 2.64
N LEU B 160 -13.82 -24.09 2.71
CA LEU B 160 -12.97 -23.00 3.19
C LEU B 160 -12.45 -23.24 4.62
N LYS B 161 -13.34 -23.67 5.54
CA LYS B 161 -12.89 -23.99 6.90
C LYS B 161 -11.79 -25.07 6.88
N GLN B 162 -12.06 -26.19 6.22
CA GLN B 162 -11.07 -27.25 6.10
C GLN B 162 -9.72 -26.76 5.56
N SER B 163 -9.74 -26.19 4.36
CA SER B 163 -8.51 -25.90 3.60
C SER B 163 -7.68 -24.72 4.13
N MET B 164 -8.35 -23.72 4.71
CA MET B 164 -7.64 -22.55 5.27
C MET B 164 -7.29 -22.74 6.74
N GLY C 4 15.75 16.24 13.77
CA GLY C 4 15.13 17.47 13.14
C GLY C 4 14.09 17.36 12.01
N MET C 5 14.08 18.31 11.07
CA MET C 5 13.05 18.30 10.01
C MET C 5 13.29 17.24 8.92
N LYS C 6 12.28 16.98 8.08
CA LYS C 6 12.28 15.92 7.07
C LYS C 6 12.38 16.45 5.68
N VAL C 7 13.52 16.27 5.06
CA VAL C 7 13.68 16.61 3.63
C VAL C 7 13.57 15.30 2.82
N VAL C 8 12.61 15.26 1.91
CA VAL C 8 12.32 14.05 1.17
C VAL C 8 12.66 14.27 -0.31
N ILE C 9 13.58 13.48 -0.84
CA ILE C 9 13.94 13.54 -2.23
C ILE C 9 12.94 12.64 -3.02
N ALA C 10 12.34 13.23 -4.04
CA ALA C 10 11.29 12.58 -4.79
C ALA C 10 11.51 12.83 -6.26
N GLY C 11 10.81 12.08 -7.09
CA GLY C 11 10.92 12.22 -8.50
C GLY C 11 10.59 10.89 -9.17
N ARG C 12 10.63 10.94 -10.48
CA ARG C 12 10.61 9.73 -11.31
C ARG C 12 11.88 8.85 -11.20
N PRO C 13 11.75 7.57 -11.63
CA PRO C 13 12.92 6.67 -11.60
C PRO C 13 14.09 7.26 -12.34
N ASN C 14 15.31 7.05 -11.83
CA ASN C 14 16.58 7.42 -12.58
C ASN C 14 16.83 8.93 -12.67
N ALA C 15 16.03 9.71 -11.94
CA ALA C 15 16.27 11.13 -11.90
C ALA C 15 17.63 11.42 -11.21
N GLY C 16 18.13 10.50 -10.41
CA GLY C 16 19.38 10.70 -9.59
C GLY C 16 19.14 11.01 -8.11
N LYS C 17 18.02 10.57 -7.57
CA LYS C 17 17.76 10.76 -6.14
C LYS C 17 18.75 10.08 -5.22
N SER C 18 19.13 8.85 -5.53
CA SER C 18 20.03 8.13 -4.67
C SER C 18 21.43 8.69 -4.75
N SER C 19 21.84 9.06 -5.96
CA SER C 19 23.06 9.85 -6.25
C SER C 19 23.13 11.16 -5.43
N LEU C 20 22.03 11.90 -5.38
CA LEU C 20 21.96 13.08 -4.48
C LEU C 20 22.09 12.72 -2.99
N LEU C 21 21.33 11.71 -2.54
CA LEU C 21 21.40 11.21 -1.19
C LEU C 21 22.85 10.95 -0.82
N ASN C 22 23.56 10.24 -1.70
CA ASN C 22 24.94 9.85 -1.44
C ASN C 22 25.82 11.09 -1.36
N ALA C 23 25.56 12.06 -2.23
CA ALA C 23 26.35 13.33 -2.17
C ALA C 23 26.10 14.11 -0.87
N LEU C 24 24.85 14.14 -0.43
CA LEU C 24 24.46 14.84 0.80
C LEU C 24 25.04 14.13 2.03
N ALA C 25 25.07 12.80 1.99
CA ALA C 25 25.49 12.05 3.14
C ALA C 25 27.01 11.86 3.17
N GLY C 26 27.64 12.09 2.01
CA GLY C 26 29.10 11.87 1.81
C GLY C 26 29.54 10.43 1.99
N ARG C 27 28.70 9.49 1.55
CA ARG C 27 29.01 8.07 1.58
C ARG C 27 27.99 7.40 0.67
N GLU C 28 28.29 6.18 0.24
CA GLU C 28 27.44 5.35 -0.64
C GLU C 28 26.35 4.65 0.14
N ALA C 29 25.46 5.49 0.66
CA ALA C 29 24.37 5.10 1.50
C ALA C 29 23.37 4.27 0.68
N ALA C 30 23.09 4.72 -0.53
CA ALA C 30 22.12 4.11 -1.46
C ALA C 30 22.77 3.50 -2.73
N ILE C 31 22.32 2.29 -3.10
CA ILE C 31 22.70 1.67 -4.37
C ILE C 31 22.26 2.57 -5.51
N VAL C 32 23.20 2.85 -6.40
CA VAL C 32 22.89 3.63 -7.57
C VAL C 32 23.16 2.76 -8.79
N THR C 33 22.18 2.68 -9.69
CA THR C 33 22.40 2.08 -11.02
C THR C 33 21.53 2.79 -12.05
N ASP C 34 21.81 2.60 -13.35
CA ASP C 34 20.95 3.09 -14.44
C ASP C 34 19.61 2.36 -14.68
N ILE C 35 19.31 1.37 -13.83
CA ILE C 35 18.06 0.59 -13.85
C ILE C 35 16.97 1.29 -13.03
N ALA C 36 15.88 1.71 -13.68
CA ALA C 36 14.76 2.32 -13.00
C ALA C 36 14.25 1.30 -11.97
N GLY C 37 13.98 1.74 -10.73
CA GLY C 37 13.58 0.82 -9.67
C GLY C 37 14.65 0.11 -8.85
N THR C 38 15.82 0.74 -8.79
CA THR C 38 16.92 0.31 -7.93
C THR C 38 16.48 0.49 -6.47
N THR C 39 16.11 1.71 -6.10
CA THR C 39 15.63 1.98 -4.75
C THR C 39 14.18 1.57 -4.74
N ARG C 40 13.82 0.88 -3.69
CA ARG C 40 12.44 0.50 -3.40
C ARG C 40 12.14 0.88 -1.96
N ASP C 41 12.94 0.33 -1.03
CA ASP C 41 12.88 0.68 0.36
C ASP C 41 13.18 2.17 0.54
N VAL C 42 12.50 2.79 1.50
CA VAL C 42 12.85 4.13 1.95
C VAL C 42 14.21 4.16 2.68
N LEU C 43 15.08 5.06 2.26
CA LEU C 43 16.39 5.13 2.91
C LEU C 43 16.39 6.47 3.63
N ARG C 44 16.76 6.47 4.91
CA ARG C 44 16.82 7.69 5.73
C ARG C 44 18.26 7.86 6.10
N GLU C 45 18.75 9.08 5.95
CA GLU C 45 20.06 9.47 6.40
C GLU C 45 19.93 10.79 7.07
N HIS C 46 20.80 11.06 8.04
CA HIS C 46 20.70 12.23 8.90
C HIS C 46 21.99 13.01 8.76
N ILE C 47 21.84 14.31 8.57
CA ILE C 47 22.96 15.22 8.46
C ILE C 47 22.72 16.49 9.28
N HIS C 48 23.75 17.33 9.37
CA HIS C 48 23.59 18.67 9.91
C HIS C 48 24.04 19.68 8.89
N ILE C 49 23.34 20.81 8.85
CA ILE C 49 23.73 21.93 8.02
C ILE C 49 23.75 23.20 8.85
N ASP C 50 24.92 23.86 8.88
CA ASP C 50 25.25 24.84 9.92
C ASP C 50 24.41 24.56 11.21
N GLY C 51 24.66 23.39 11.76
CA GLY C 51 24.09 22.90 13.02
C GLY C 51 22.64 22.42 13.02
N MET C 52 21.91 22.63 11.93
CA MET C 52 20.51 22.26 11.86
C MET C 52 20.48 20.79 11.47
N PRO C 53 19.95 19.94 12.37
CA PRO C 53 19.82 18.53 12.13
C PRO C 53 18.78 18.34 11.04
N LEU C 54 18.93 17.31 10.22
CA LEU C 54 17.89 17.00 9.22
C LEU C 54 17.95 15.55 8.89
N HIS C 55 16.77 14.98 8.66
CA HIS C 55 16.65 13.72 7.95
C HIS C 55 16.50 13.94 6.47
N ILE C 56 17.37 13.26 5.72
CA ILE C 56 17.35 13.27 4.27
C ILE C 56 16.85 11.90 3.87
N ILE C 57 15.76 11.89 3.11
CA ILE C 57 15.02 10.69 2.93
C ILE C 57 14.96 10.38 1.44
N ASP C 58 15.52 9.23 1.03
CA ASP C 58 15.51 8.87 -0.40
C ASP C 58 14.33 7.92 -0.63
N THR C 59 13.76 7.91 -1.82
CA THR C 59 12.53 7.10 -2.02
C THR C 59 12.54 6.51 -3.40
N ALA C 60 11.77 5.44 -3.60
CA ALA C 60 11.49 4.88 -4.93
C ALA C 60 10.99 5.92 -5.96
N GLY C 61 11.54 5.90 -7.16
CA GLY C 61 11.05 6.74 -8.26
C GLY C 61 9.56 6.51 -8.46
N LEU C 62 8.80 7.57 -8.64
CA LEU C 62 7.37 7.43 -8.74
C LEU C 62 6.95 7.04 -10.14
N ARG C 63 6.36 5.85 -10.25
CA ARG C 63 5.84 5.35 -11.53
C ARG C 63 4.79 4.25 -11.30
N GLU C 64 4.16 3.76 -12.38
CA GLU C 64 3.34 2.54 -12.33
C GLU C 64 4.36 1.43 -12.49
N ALA C 65 4.47 0.60 -11.46
CA ALA C 65 5.50 -0.41 -11.38
C ALA C 65 4.87 -1.79 -11.40
N SER C 66 5.48 -2.68 -12.17
CA SER C 66 4.97 -4.02 -12.32
C SER C 66 5.57 -4.96 -11.26
N ASP C 67 6.81 -4.70 -10.82
CA ASP C 67 7.43 -5.46 -9.73
C ASP C 67 6.74 -5.14 -8.41
N GLU C 68 6.27 -6.18 -7.72
CA GLU C 68 5.61 -6.09 -6.40
C GLU C 68 6.31 -5.18 -5.32
N VAL C 69 7.55 -5.48 -5.00
CA VAL C 69 8.34 -4.71 -4.03
C VAL C 69 8.50 -3.22 -4.44
N GLU C 70 8.77 -2.96 -5.72
CA GLU C 70 8.79 -1.60 -6.25
C GLU C 70 7.44 -0.86 -6.10
N ARG C 71 6.31 -1.51 -6.39
CA ARG C 71 5.01 -0.83 -6.14
C ARG C 71 4.83 -0.52 -4.67
N ILE C 72 5.26 -1.43 -3.81
CA ILE C 72 5.09 -1.18 -2.37
C ILE C 72 5.94 -0.02 -1.95
N GLY C 73 7.13 0.08 -2.55
CA GLY C 73 8.08 1.15 -2.21
C GLY C 73 7.60 2.49 -2.70
N ILE C 74 6.89 2.49 -3.84
CA ILE C 74 6.41 3.72 -4.40
C ILE C 74 5.25 4.24 -3.51
N GLU C 75 4.39 3.32 -3.05
CA GLU C 75 3.40 3.67 -1.99
C GLU C 75 4.07 4.25 -0.76
N ARG C 76 5.21 3.68 -0.32
CA ARG C 76 5.87 4.25 0.85
C ARG C 76 6.50 5.57 0.48
N ALA C 77 6.95 5.70 -0.77
CA ALA C 77 7.52 6.97 -1.25
C ALA C 77 6.45 8.08 -1.14
N TRP C 78 5.23 7.82 -1.60
CA TRP C 78 4.22 8.86 -1.57
C TRP C 78 3.81 9.28 -0.16
N GLN C 79 3.81 8.31 0.73
CA GLN C 79 3.55 8.55 2.15
C GLN C 79 4.68 9.42 2.81
N GLU C 80 5.92 9.18 2.41
CA GLU C 80 7.04 10.06 2.84
C GLU C 80 6.89 11.52 2.37
N ILE C 81 6.47 11.67 1.11
CA ILE C 81 6.39 12.92 0.41
C ILE C 81 5.27 13.75 1.01
N GLU C 82 4.10 13.12 1.22
CA GLU C 82 2.97 13.81 1.88
C GLU C 82 3.35 14.36 3.26
N GLN C 83 4.21 13.64 3.98
CA GLN C 83 4.55 13.95 5.38
C GLN C 83 5.82 14.77 5.57
N ALA C 84 6.45 15.11 4.45
CA ALA C 84 7.69 15.87 4.37
C ALA C 84 7.54 17.26 4.95
N ASP C 85 8.62 17.77 5.51
CA ASP C 85 8.73 19.21 5.79
C ASP C 85 9.10 20.03 4.53
N ARG C 86 9.94 19.44 3.69
CA ARG C 86 10.20 20.02 2.36
C ARG C 86 10.47 18.89 1.38
N VAL C 87 10.09 19.07 0.11
CA VAL C 87 10.34 18.01 -0.89
C VAL C 87 11.33 18.55 -1.91
N LEU C 88 12.38 17.78 -2.17
CA LEU C 88 13.27 18.07 -3.26
C LEU C 88 12.74 17.26 -4.41
N PHE C 89 12.00 17.92 -5.32
CA PHE C 89 11.53 17.32 -6.58
C PHE C 89 12.65 17.38 -7.64
N MET C 90 13.26 16.22 -7.88
CA MET C 90 14.39 16.13 -8.76
C MET C 90 13.90 15.69 -10.13
N VAL C 91 14.34 16.37 -11.19
CA VAL C 91 14.04 15.90 -12.56
C VAL C 91 15.39 15.66 -13.25
N ASP C 92 15.49 14.58 -14.01
CA ASP C 92 16.54 14.43 -15.03
C ASP C 92 16.45 15.60 -16.07
N GLY C 93 17.43 16.49 -15.97
CA GLY C 93 17.45 17.75 -16.73
C GLY C 93 17.53 17.55 -18.23
N THR C 94 18.02 16.40 -18.65
CA THR C 94 18.13 16.10 -20.07
C THR C 94 16.77 15.78 -20.68
N THR C 95 15.77 15.52 -19.85
CA THR C 95 14.44 15.09 -20.33
C THR C 95 13.49 16.26 -20.71
N THR C 96 13.85 17.46 -20.28
CA THR C 96 13.02 18.62 -20.48
C THR C 96 13.76 19.90 -20.10
N ASP C 97 13.46 21.04 -20.75
CA ASP C 97 14.06 22.35 -20.31
C ASP C 97 13.11 23.21 -19.45
N ALA C 98 12.03 22.56 -19.02
CA ALA C 98 11.03 23.15 -18.15
C ALA C 98 11.61 23.31 -16.74
N VAL C 99 11.14 24.33 -16.04
CA VAL C 99 11.62 24.65 -14.67
C VAL C 99 10.49 24.62 -13.61
N ASP C 100 9.22 24.77 -14.05
CA ASP C 100 8.10 24.93 -13.11
C ASP C 100 7.57 23.57 -12.69
N PRO C 101 7.48 23.33 -11.36
CA PRO C 101 7.19 21.98 -10.94
C PRO C 101 5.80 21.53 -11.34
N ALA C 102 4.84 22.46 -11.32
CA ALA C 102 3.49 22.22 -11.80
C ALA C 102 3.40 21.89 -13.31
N GLU C 103 4.32 22.43 -14.10
CA GLU C 103 4.56 22.05 -15.50
C GLU C 103 5.16 20.63 -15.61
N ILE C 104 6.32 20.41 -14.99
CA ILE C 104 7.01 19.11 -15.00
C ILE C 104 6.30 17.90 -14.33
N TRP C 105 5.74 18.07 -13.12
CA TRP C 105 4.86 17.02 -12.63
C TRP C 105 3.43 17.40 -12.12
N PRO C 106 2.55 17.66 -13.09
CA PRO C 106 1.18 18.06 -12.80
C PRO C 106 0.49 17.00 -11.97
N GLU C 107 0.89 15.74 -12.13
CA GLU C 107 0.24 14.56 -11.59
C GLU C 107 0.50 14.43 -10.08
N PHE C 108 1.57 15.09 -9.64
CA PHE C 108 2.22 15.00 -8.35
C PHE C 108 1.84 16.25 -7.54
N ILE C 109 2.14 17.42 -8.11
CA ILE C 109 1.90 18.74 -7.54
C ILE C 109 0.40 18.88 -7.24
N ALA C 110 -0.42 18.46 -8.22
CA ALA C 110 -1.87 18.43 -8.09
C ALA C 110 -2.42 17.59 -6.91
N ARG C 111 -1.67 16.64 -6.40
CA ARG C 111 -2.14 15.90 -5.24
C ARG C 111 -1.34 16.16 -3.94
N LEU C 112 -0.70 17.33 -3.88
CA LEU C 112 -0.05 17.81 -2.66
C LEU C 112 -0.49 19.24 -2.30
N PRO C 113 -0.47 19.56 -1.00
CA PRO C 113 -0.90 20.89 -0.52
C PRO C 113 -0.10 22.01 -1.11
N ALA C 114 -0.78 23.14 -1.24
CA ALA C 114 -0.15 24.45 -1.41
C ALA C 114 0.98 24.70 -0.41
N LYS C 115 0.66 24.43 0.85
CA LYS C 115 1.51 24.71 2.02
C LYS C 115 2.88 24.05 1.81
N LEU C 116 2.87 22.81 1.35
CA LEU C 116 4.08 21.97 1.21
C LEU C 116 5.26 22.61 0.39
N PRO C 117 6.35 22.97 1.11
CA PRO C 117 7.51 23.58 0.46
C PRO C 117 8.19 22.53 -0.48
N ILE C 118 8.35 22.92 -1.75
CA ILE C 118 8.95 22.09 -2.78
C ILE C 118 10.06 22.88 -3.47
N THR C 119 11.20 22.22 -3.59
CA THR C 119 12.35 22.73 -4.30
C THR C 119 12.49 21.91 -5.58
N VAL C 120 12.62 22.58 -6.71
CA VAL C 120 12.92 21.89 -7.96
C VAL C 120 14.42 21.72 -8.06
N VAL C 121 14.89 20.48 -8.20
CA VAL C 121 16.30 20.22 -8.49
C VAL C 121 16.42 19.69 -9.90
N ARG C 122 17.08 20.43 -10.79
CA ARG C 122 17.37 19.96 -12.18
C ARG C 122 18.77 19.37 -12.14
N ASN C 123 18.79 18.05 -12.14
CA ASN C 123 19.96 17.26 -11.99
C ASN C 123 20.51 16.93 -13.35
N LYS C 124 21.74 16.40 -13.35
CA LYS C 124 22.46 16.09 -14.57
C LYS C 124 22.93 17.31 -15.37
N ALA C 125 23.20 18.43 -14.70
CA ALA C 125 23.75 19.63 -15.37
C ALA C 125 25.03 19.36 -16.17
N ASP C 126 25.73 18.31 -15.79
CA ASP C 126 27.01 17.97 -16.44
C ASP C 126 26.73 17.50 -17.85
N ILE C 127 25.49 17.07 -18.08
CA ILE C 127 25.05 16.58 -19.38
C ILE C 127 24.40 17.69 -20.11
N THR C 128 23.58 18.49 -19.43
CA THR C 128 22.77 19.48 -20.15
C THR C 128 23.54 20.76 -20.47
N GLY C 129 24.63 20.96 -19.72
CA GLY C 129 25.48 22.15 -19.86
C GLY C 129 24.96 23.39 -19.14
N GLU C 130 23.91 23.24 -18.34
CA GLU C 130 23.29 24.42 -17.76
C GLU C 130 24.20 24.95 -16.64
N THR C 131 23.94 26.15 -16.19
CA THR C 131 24.85 26.81 -15.20
C THR C 131 24.34 26.41 -13.84
N LEU C 132 25.24 25.94 -12.97
CA LEU C 132 24.85 25.49 -11.66
C LEU C 132 24.64 26.64 -10.65
N GLY C 133 23.60 26.49 -9.82
CA GLY C 133 23.34 27.46 -8.76
C GLY C 133 21.85 27.57 -8.56
N MET C 134 21.45 28.67 -7.94
CA MET C 134 20.13 28.75 -7.39
C MET C 134 19.31 29.86 -7.95
N SER C 135 18.10 29.49 -8.34
CA SER C 135 17.19 30.42 -8.96
C SER C 135 15.82 30.26 -8.29
N GLU C 136 14.78 30.75 -8.94
CA GLU C 136 13.46 30.72 -8.32
C GLU C 136 12.49 30.67 -9.46
N VAL C 137 11.40 29.92 -9.28
CA VAL C 137 10.34 29.85 -10.33
C VAL C 137 8.96 29.82 -9.61
N ASN C 138 8.14 30.80 -9.93
CA ASN C 138 6.80 30.96 -9.31
C ASN C 138 6.73 30.67 -7.80
N GLY C 139 7.73 31.10 -7.07
CA GLY C 139 7.77 30.91 -5.64
C GLY C 139 8.62 29.76 -5.13
N HIS C 140 9.10 28.92 -6.04
CA HIS C 140 9.82 27.69 -5.67
C HIS C 140 11.31 27.89 -5.89
N ALA C 141 12.10 27.41 -4.94
CA ALA C 141 13.54 27.44 -5.10
C ALA C 141 13.82 26.49 -6.27
N LEU C 142 14.82 26.82 -7.11
CA LEU C 142 15.13 26.03 -8.30
C LEU C 142 16.67 25.87 -8.31
N ILE C 143 17.14 24.65 -8.12
CA ILE C 143 18.56 24.45 -8.14
C ILE C 143 19.02 23.54 -9.29
N ARG C 144 20.08 23.98 -9.95
CA ARG C 144 20.74 23.19 -11.02
C ARG C 144 21.99 22.65 -10.49
N LEU C 145 22.16 21.33 -10.62
CA LEU C 145 23.36 20.68 -10.07
C LEU C 145 23.61 19.36 -10.76
N SER C 146 24.72 18.71 -10.34
CA SER C 146 25.01 17.36 -10.78
C SER C 146 25.33 16.46 -9.62
N ALA C 147 24.34 15.64 -9.23
CA ALA C 147 24.49 14.69 -8.11
C ALA C 147 25.66 13.73 -8.31
N ARG C 148 25.86 13.26 -9.55
CA ARG C 148 26.91 12.29 -9.89
C ARG C 148 28.35 12.80 -9.58
N THR C 149 28.61 14.04 -9.95
CA THR C 149 29.91 14.66 -9.79
C THR C 149 30.06 15.46 -8.46
N GLY C 150 28.96 15.64 -7.72
CA GLY C 150 28.93 16.48 -6.51
C GLY C 150 28.94 17.98 -6.74
N GLU C 151 28.89 18.41 -7.99
CA GLU C 151 28.88 19.85 -8.28
C GLU C 151 27.52 20.47 -7.93
N GLY C 152 27.55 21.63 -7.28
CA GLY C 152 26.29 22.30 -6.88
C GLY C 152 25.59 21.73 -5.67
N VAL C 153 26.22 20.74 -5.02
CA VAL C 153 25.72 20.23 -3.76
C VAL C 153 25.76 21.26 -2.61
N ASP C 154 26.81 22.07 -2.56
CA ASP C 154 26.87 23.10 -1.57
C ASP C 154 25.81 24.13 -1.71
N VAL C 155 25.47 24.41 -2.98
CA VAL C 155 24.28 25.20 -3.30
C VAL C 155 23.04 24.68 -2.58
N LEU C 156 22.77 23.37 -2.71
CA LEU C 156 21.64 22.75 -2.04
C LEU C 156 21.77 22.85 -0.53
N ARG C 157 22.96 22.57 -0.03
CA ARG C 157 23.17 22.74 1.42
C ARG C 157 22.84 24.14 1.86
N ASN C 158 23.30 25.15 1.13
CA ASN C 158 22.99 26.56 1.50
C ASN C 158 21.47 26.80 1.56
N HIS C 159 20.77 26.29 0.53
CA HIS C 159 19.32 26.45 0.42
C HIS C 159 18.58 25.81 1.56
N LEU C 160 18.99 24.59 1.91
CA LEU C 160 18.36 23.88 3.00
C LEU C 160 18.48 24.71 4.30
N LYS C 161 19.64 25.32 4.55
CA LYS C 161 19.81 26.14 5.76
C LYS C 161 19.09 27.49 5.73
N GLN C 162 19.03 28.14 4.57
CA GLN C 162 18.28 29.37 4.46
C GLN C 162 16.78 29.15 4.64
N SER C 163 16.26 28.07 4.06
CA SER C 163 14.82 27.86 3.91
C SER C 163 14.12 27.12 5.08
N MET C 164 14.87 26.26 5.76
CA MET C 164 14.38 25.58 6.96
C MET C 164 15.05 26.05 8.28
N MET D 5 26.72 0.87 19.25
CA MET D 5 27.40 -0.36 18.69
C MET D 5 26.55 -0.92 17.51
N LYS D 6 27.21 -1.51 16.51
CA LYS D 6 26.52 -1.94 15.27
C LYS D 6 26.14 -3.42 15.28
N VAL D 7 24.84 -3.71 15.31
CA VAL D 7 24.33 -5.07 15.23
C VAL D 7 23.72 -5.29 13.83
N VAL D 8 24.31 -6.25 13.12
CA VAL D 8 24.00 -6.53 11.75
C VAL D 8 23.10 -7.78 11.74
N ILE D 9 21.89 -7.67 11.20
CA ILE D 9 21.04 -8.86 10.98
C ILE D 9 21.44 -9.54 9.67
N ALA D 10 21.94 -10.77 9.76
CA ALA D 10 22.47 -11.48 8.58
C ALA D 10 21.70 -12.81 8.39
N GLY D 11 21.69 -13.36 7.18
CA GLY D 11 20.94 -14.60 6.95
C GLY D 11 20.64 -14.83 5.48
N ARG D 12 19.98 -15.94 5.20
CA ARG D 12 19.68 -16.30 3.86
C ARG D 12 18.47 -15.48 3.44
N PRO D 13 18.18 -15.43 2.14
CA PRO D 13 16.93 -14.74 1.83
C PRO D 13 15.66 -15.36 2.52
N ASN D 14 14.69 -14.49 2.84
CA ASN D 14 13.42 -14.83 3.46
C ASN D 14 13.49 -15.42 4.85
N ALA D 15 14.67 -15.32 5.49
CA ALA D 15 14.82 -15.74 6.91
C ALA D 15 13.91 -14.98 7.90
N GLY D 16 13.47 -13.79 7.49
CA GLY D 16 12.73 -12.81 8.31
C GLY D 16 13.61 -11.66 8.87
N LYS D 17 14.67 -11.27 8.17
CA LYS D 17 15.57 -10.22 8.71
C LYS D 17 14.93 -8.81 8.78
N SER D 18 14.20 -8.43 7.73
CA SER D 18 13.47 -7.16 7.74
C SER D 18 12.35 -7.20 8.76
N SER D 19 11.65 -8.33 8.81
CA SER D 19 10.61 -8.56 9.82
C SER D 19 11.10 -8.25 11.23
N LEU D 20 12.28 -8.75 11.55
CA LEU D 20 12.97 -8.41 12.77
C LEU D 20 13.36 -6.92 12.90
N LEU D 21 13.96 -6.34 11.86
CA LEU D 21 14.21 -4.90 11.86
C LEU D 21 12.99 -4.14 12.32
N ASN D 22 11.82 -4.47 11.74
CA ASN D 22 10.57 -3.77 12.02
C ASN D 22 10.10 -3.95 13.45
N ALA D 23 10.38 -5.13 13.98
CA ALA D 23 9.97 -5.51 15.33
C ALA D 23 10.83 -4.73 16.34
N LEU D 24 12.14 -4.69 16.10
CA LEU D 24 13.01 -3.90 16.96
C LEU D 24 12.73 -2.41 16.83
N ALA D 25 12.65 -1.92 15.61
CA ALA D 25 12.51 -0.49 15.43
C ALA D 25 11.12 -0.04 15.84
N GLY D 26 10.18 -0.99 15.84
CA GLY D 26 8.81 -0.71 16.26
C GLY D 26 8.12 0.14 15.22
N ARG D 27 8.58 0.06 13.98
CA ARG D 27 7.93 0.74 12.86
C ARG D 27 8.16 -0.06 11.56
N GLU D 28 7.36 0.22 10.52
CA GLU D 28 7.46 -0.56 9.29
C GLU D 28 8.60 0.02 8.44
N ALA D 29 9.80 -0.10 9.01
CA ALA D 29 11.05 0.43 8.47
C ALA D 29 11.49 -0.22 7.15
N ALA D 30 11.17 -1.49 6.96
CA ALA D 30 11.69 -2.20 5.78
C ALA D 30 10.54 -2.92 5.08
N ILE D 31 10.56 -3.02 3.77
CA ILE D 31 9.54 -3.78 3.05
C ILE D 31 9.68 -5.26 3.36
N VAL D 32 8.58 -5.89 3.81
CA VAL D 32 8.56 -7.34 4.01
C VAL D 32 7.60 -7.96 2.97
N THR D 33 8.08 -8.95 2.23
CA THR D 33 7.23 -9.75 1.38
C THR D 33 7.86 -11.10 1.39
N ASP D 34 7.14 -12.09 0.83
CA ASP D 34 7.64 -13.47 0.70
C ASP D 34 8.48 -13.67 -0.56
N ILE D 35 8.78 -12.58 -1.24
CA ILE D 35 9.75 -12.61 -2.36
C ILE D 35 11.19 -12.53 -1.87
N ALA D 36 11.99 -13.52 -2.20
CA ALA D 36 13.42 -13.49 -1.90
C ALA D 36 14.08 -12.36 -2.68
N GLY D 37 14.97 -11.60 -2.02
CA GLY D 37 15.53 -10.42 -2.65
C GLY D 37 14.65 -9.19 -2.67
N THR D 38 13.77 -9.08 -1.69
CA THR D 38 13.06 -7.84 -1.41
C THR D 38 14.02 -6.71 -0.95
N THR D 39 14.73 -6.94 0.15
CA THR D 39 15.78 -5.99 0.61
C THR D 39 16.99 -6.16 -0.31
N ARG D 40 17.52 -5.04 -0.75
CA ARG D 40 18.78 -4.99 -1.47
C ARG D 40 19.65 -3.99 -0.77
N ASP D 41 19.21 -2.71 -0.70
CA ASP D 41 19.97 -1.66 -0.04
C ASP D 41 20.14 -2.07 1.44
N VAL D 42 21.21 -1.60 2.06
CA VAL D 42 21.45 -1.85 3.45
C VAL D 42 20.51 -0.91 4.16
N LEU D 43 19.83 -1.37 5.20
CA LEU D 43 18.90 -0.50 5.96
C LEU D 43 19.44 -0.33 7.39
N ARG D 44 19.52 0.89 7.90
CA ARG D 44 19.90 1.10 9.32
C ARG D 44 18.81 1.77 10.14
N GLU D 45 18.57 1.24 11.33
CA GLU D 45 17.72 1.91 12.31
C GLU D 45 18.47 2.17 13.63
N HIS D 46 18.29 3.37 14.20
CA HIS D 46 18.84 3.71 15.51
C HIS D 46 17.79 3.41 16.54
N ILE D 47 18.08 2.51 17.46
CA ILE D 47 17.15 2.24 18.55
C ILE D 47 17.78 2.52 19.91
N HIS D 48 16.94 2.58 20.94
CA HIS D 48 17.44 2.71 22.29
C HIS D 48 16.86 1.54 23.06
N ILE D 49 17.69 0.85 23.84
CA ILE D 49 17.12 -0.25 24.62
C ILE D 49 16.81 0.03 26.11
N ASP D 50 17.83 0.36 26.92
CA ASP D 50 17.66 0.52 28.40
C ASP D 50 18.81 1.31 29.07
N GLY D 51 19.67 1.92 28.23
CA GLY D 51 20.96 2.47 28.68
C GLY D 51 21.93 2.38 27.49
N MET D 52 21.35 2.26 26.31
CA MET D 52 22.09 2.12 25.09
C MET D 52 21.23 2.53 23.90
N PRO D 53 21.62 3.64 23.25
CA PRO D 53 21.27 3.66 21.84
C PRO D 53 22.08 2.56 21.12
N LEU D 54 21.52 1.95 20.08
CA LEU D 54 22.35 1.12 19.20
C LEU D 54 21.83 1.21 17.78
N HIS D 55 22.69 0.86 16.82
CA HIS D 55 22.36 0.84 15.41
C HIS D 55 22.04 -0.61 14.99
N ILE D 56 20.86 -0.82 14.47
CA ILE D 56 20.49 -2.13 13.96
C ILE D 56 20.38 -2.06 12.43
N ILE D 57 21.05 -3.02 11.77
CA ILE D 57 21.36 -2.90 10.34
C ILE D 57 20.86 -4.13 9.61
N ASP D 58 19.90 -3.89 8.72
CA ASP D 58 19.23 -4.96 7.97
C ASP D 58 19.93 -5.10 6.63
N THR D 59 20.09 -6.31 6.12
CA THR D 59 20.87 -6.56 4.91
C THR D 59 20.12 -7.48 3.91
N ALA D 60 20.52 -7.45 2.65
CA ALA D 60 20.12 -8.47 1.64
C ALA D 60 20.52 -9.91 2.05
N GLY D 61 19.52 -10.81 2.03
CA GLY D 61 19.77 -12.25 2.18
C GLY D 61 20.87 -12.75 1.26
N LEU D 62 21.77 -13.57 1.83
CA LEU D 62 22.99 -14.00 1.14
C LEU D 62 22.72 -15.24 0.32
N ARG D 63 23.05 -15.16 -0.98
CA ARG D 63 22.83 -16.24 -1.96
C ARG D 63 23.56 -15.84 -3.22
N GLU D 64 23.47 -16.65 -4.27
CA GLU D 64 23.99 -16.24 -5.57
C GLU D 64 22.83 -15.72 -6.43
N ALA D 65 22.63 -14.39 -6.41
CA ALA D 65 21.56 -13.71 -7.15
C ALA D 65 22.01 -13.40 -8.55
N SER D 66 21.07 -13.45 -9.50
CA SER D 66 21.32 -12.93 -10.85
C SER D 66 20.97 -11.45 -10.98
N ASP D 67 20.03 -10.99 -10.16
CA ASP D 67 19.61 -9.59 -10.25
C ASP D 67 20.72 -8.64 -9.89
N GLU D 68 21.07 -7.72 -10.80
CA GLU D 68 22.21 -6.80 -10.61
C GLU D 68 22.15 -5.99 -9.30
N VAL D 69 20.98 -5.43 -8.96
CA VAL D 69 20.87 -4.64 -7.71
C VAL D 69 20.99 -5.56 -6.54
N GLU D 70 20.43 -6.76 -6.67
CA GLU D 70 20.49 -7.70 -5.52
C GLU D 70 21.90 -8.22 -5.31
N ARG D 71 22.59 -8.54 -6.41
CA ARG D 71 24.02 -8.85 -6.31
C ARG D 71 24.76 -7.74 -5.59
N ILE D 72 24.44 -6.48 -5.94
CA ILE D 72 25.14 -5.35 -5.29
C ILE D 72 24.81 -5.26 -3.80
N GLY D 73 23.51 -5.37 -3.48
CA GLY D 73 23.06 -5.49 -2.07
C GLY D 73 23.75 -6.58 -1.24
N ILE D 74 23.95 -7.75 -1.88
CA ILE D 74 24.60 -8.91 -1.23
C ILE D 74 26.09 -8.66 -0.89
N GLU D 75 26.79 -8.01 -1.81
CA GLU D 75 28.16 -7.56 -1.55
C GLU D 75 28.23 -6.54 -0.40
N ARG D 76 27.32 -5.58 -0.38
CA ARG D 76 27.23 -4.63 0.71
C ARG D 76 26.84 -5.33 2.04
N ALA D 77 26.02 -6.38 1.96
CA ALA D 77 25.68 -7.19 3.13
C ALA D 77 26.91 -7.85 3.74
N TRP D 78 27.71 -8.51 2.91
CA TRP D 78 29.02 -9.06 3.33
C TRP D 78 29.88 -8.01 4.02
N GLN D 79 30.02 -6.86 3.36
CA GLN D 79 30.70 -5.68 3.91
C GLN D 79 30.19 -5.40 5.36
N GLU D 80 28.89 -5.19 5.53
CA GLU D 80 28.33 -4.93 6.88
C GLU D 80 28.63 -6.01 7.95
N ILE D 81 28.49 -7.27 7.55
CA ILE D 81 28.79 -8.41 8.44
C ILE D 81 30.24 -8.31 8.95
N GLU D 82 31.19 -8.18 8.03
CA GLU D 82 32.59 -8.14 8.38
C GLU D 82 32.91 -7.09 9.44
N GLN D 83 32.37 -5.89 9.22
CA GLN D 83 32.50 -4.76 10.12
C GLN D 83 31.56 -4.76 11.35
N ALA D 84 30.71 -5.78 11.52
CA ALA D 84 29.73 -5.78 12.61
C ALA D 84 30.40 -5.82 14.01
N ASP D 85 29.71 -5.26 15.00
CA ASP D 85 30.03 -5.53 16.39
C ASP D 85 29.41 -6.83 16.84
N ARG D 86 28.13 -7.01 16.56
CA ARG D 86 27.41 -8.27 16.78
C ARG D 86 26.66 -8.61 15.47
N VAL D 87 26.67 -9.89 15.08
CA VAL D 87 25.81 -10.36 13.99
C VAL D 87 24.68 -11.21 14.59
N LEU D 88 23.45 -10.85 14.27
CA LEU D 88 22.32 -11.76 14.49
C LEU D 88 22.14 -12.61 13.20
N PHE D 89 22.64 -13.84 13.23
CA PHE D 89 22.45 -14.72 12.07
C PHE D 89 21.05 -15.35 12.18
N MET D 90 20.16 -14.93 11.28
CA MET D 90 18.76 -15.34 11.31
C MET D 90 18.50 -16.54 10.43
N VAL D 91 17.80 -17.52 11.01
CA VAL D 91 17.47 -18.80 10.37
C VAL D 91 15.97 -18.96 10.38
N ASP D 92 15.41 -19.34 9.24
CA ASP D 92 14.01 -19.72 9.17
C ASP D 92 13.90 -21.08 9.90
N GLY D 93 13.23 -21.07 11.06
CA GLY D 93 13.09 -22.24 11.90
C GLY D 93 12.32 -23.40 11.27
N THR D 94 11.48 -23.09 10.29
CA THR D 94 10.74 -24.11 9.54
C THR D 94 11.60 -24.89 8.54
N THR D 95 12.83 -24.44 8.28
CA THR D 95 13.71 -25.06 7.25
C THR D 95 14.79 -26.03 7.78
N THR D 96 14.92 -26.13 9.09
CA THR D 96 15.96 -26.95 9.71
C THR D 96 15.72 -27.11 11.20
N ASP D 97 16.34 -28.14 11.77
CA ASP D 97 16.30 -28.39 13.20
C ASP D 97 17.72 -28.17 13.72
N ALA D 98 18.40 -27.17 13.18
CA ALA D 98 19.75 -26.89 13.64
C ALA D 98 19.88 -25.63 14.49
N VAL D 99 20.92 -25.63 15.32
CA VAL D 99 21.20 -24.57 16.29
C VAL D 99 22.65 -24.08 16.12
N ASP D 100 23.50 -24.95 15.57
CA ASP D 100 24.91 -24.66 15.36
C ASP D 100 25.06 -23.83 14.11
N PRO D 101 25.63 -22.60 14.23
CA PRO D 101 25.69 -21.76 13.02
C PRO D 101 26.60 -22.36 11.94
N ALA D 102 27.58 -23.15 12.37
CA ALA D 102 28.52 -23.79 11.43
C ALA D 102 27.81 -24.91 10.69
N GLU D 103 26.80 -25.49 11.36
CA GLU D 103 25.89 -26.46 10.75
C GLU D 103 24.70 -25.82 10.02
N ILE D 104 24.40 -24.56 10.27
CA ILE D 104 23.31 -23.90 9.54
C ILE D 104 23.76 -23.39 8.16
N TRP D 105 24.81 -22.60 8.13
CA TRP D 105 25.50 -22.33 6.86
C TRP D 105 27.04 -22.38 7.02
N PRO D 106 27.62 -23.53 6.64
CA PRO D 106 29.06 -23.80 6.65
C PRO D 106 29.84 -22.83 5.77
N GLU D 107 29.27 -22.53 4.61
CA GLU D 107 29.91 -21.73 3.55
C GLU D 107 30.19 -20.27 3.97
N PHE D 108 29.36 -19.75 4.86
CA PHE D 108 29.46 -18.37 5.35
C PHE D 108 30.22 -18.23 6.69
N ILE D 109 30.07 -19.19 7.60
CA ILE D 109 30.94 -19.26 8.81
C ILE D 109 32.43 -19.44 8.47
N ALA D 110 32.72 -20.13 7.36
CA ALA D 110 34.09 -20.36 6.92
C ALA D 110 34.80 -19.02 6.73
N ARG D 111 34.03 -18.05 6.25
CA ARG D 111 34.52 -16.74 5.84
C ARG D 111 34.42 -15.65 6.93
N LEU D 112 33.57 -15.87 7.94
CA LEU D 112 33.45 -14.93 9.07
C LEU D 112 34.71 -14.96 9.96
N PRO D 113 35.25 -13.76 10.29
CA PRO D 113 36.36 -13.65 11.23
C PRO D 113 36.10 -14.37 12.56
N ALA D 114 36.96 -15.34 12.88
CA ALA D 114 36.97 -15.95 14.21
C ALA D 114 37.17 -14.85 15.25
N LYS D 115 36.13 -14.61 16.05
CA LYS D 115 36.05 -13.53 17.07
C LYS D 115 34.91 -12.53 16.86
N LEU D 116 34.27 -12.57 15.71
CA LEU D 116 33.04 -11.80 15.52
C LEU D 116 31.91 -12.44 16.33
N PRO D 117 31.37 -11.69 17.31
CA PRO D 117 30.24 -12.18 18.11
C PRO D 117 28.96 -12.49 17.28
N ILE D 118 28.56 -13.75 17.29
CA ILE D 118 27.37 -14.24 16.61
C ILE D 118 26.29 -14.71 17.60
N THR D 119 25.08 -14.20 17.40
CA THR D 119 23.85 -14.65 18.06
C THR D 119 22.94 -15.30 17.01
N VAL D 120 22.67 -16.59 17.16
CA VAL D 120 21.81 -17.31 16.22
C VAL D 120 20.36 -17.04 16.59
N VAL D 121 19.54 -16.66 15.61
CA VAL D 121 18.12 -16.38 15.84
C VAL D 121 17.26 -17.37 15.06
N ARG D 122 16.68 -18.36 15.76
CA ARG D 122 15.69 -19.23 15.13
C ARG D 122 14.37 -18.50 15.01
N ASN D 123 14.06 -18.08 13.78
CA ASN D 123 12.89 -17.27 13.53
C ASN D 123 11.69 -18.12 13.15
N LYS D 124 10.52 -17.53 13.29
CA LYS D 124 9.23 -18.12 12.86
C LYS D 124 8.81 -19.24 13.80
N ALA D 125 9.09 -19.03 15.09
CA ALA D 125 8.67 -19.96 16.14
C ALA D 125 7.15 -20.08 16.20
N ASP D 126 6.44 -19.06 15.72
CA ASP D 126 4.96 -19.07 15.61
C ASP D 126 4.41 -20.25 14.82
N ILE D 127 5.17 -20.72 13.83
CA ILE D 127 4.73 -21.81 12.94
C ILE D 127 5.34 -23.13 13.39
N THR D 128 6.53 -23.08 13.98
CA THR D 128 7.19 -24.31 14.42
C THR D 128 6.70 -24.71 15.81
N GLY D 129 6.19 -23.73 16.56
CA GLY D 129 5.90 -23.89 17.98
C GLY D 129 7.12 -24.30 18.80
N GLU D 130 8.23 -23.58 18.66
CA GLU D 130 9.40 -23.75 19.54
C GLU D 130 9.24 -22.88 20.75
N THR D 131 9.81 -23.31 21.88
CA THR D 131 9.78 -22.53 23.09
C THR D 131 10.61 -21.24 22.93
N LEU D 132 9.92 -20.11 23.06
CA LEU D 132 10.53 -18.82 22.92
C LEU D 132 11.58 -18.55 24.00
N GLY D 133 12.46 -17.60 23.73
CA GLY D 133 13.52 -17.27 24.67
C GLY D 133 14.91 -17.79 24.34
N MET D 134 15.80 -17.63 25.32
CA MET D 134 17.22 -17.77 25.08
C MET D 134 17.85 -19.02 25.66
N SER D 135 18.71 -19.66 24.86
CA SER D 135 19.62 -20.65 25.39
C SER D 135 21.03 -20.34 24.86
N GLU D 136 22.00 -21.16 25.25
CA GLU D 136 23.34 -21.12 24.67
C GLU D 136 23.51 -22.37 23.80
N VAL D 137 24.27 -22.23 22.72
CA VAL D 137 24.62 -23.40 21.91
C VAL D 137 26.09 -23.42 21.46
N ASN D 138 26.84 -24.36 22.04
CA ASN D 138 28.23 -24.60 21.70
C ASN D 138 29.01 -23.32 21.34
N GLY D 139 29.07 -22.41 22.33
CA GLY D 139 29.77 -21.13 22.20
C GLY D 139 28.86 -19.91 22.16
N HIS D 140 27.84 -19.97 21.31
CA HIS D 140 27.04 -18.78 20.99
C HIS D 140 25.73 -18.73 21.77
N ALA D 141 25.19 -17.51 21.91
CA ALA D 141 23.79 -17.34 22.23
C ALA D 141 22.87 -17.79 21.07
N LEU D 142 21.66 -18.19 21.45
CA LEU D 142 20.65 -18.69 20.57
C LEU D 142 19.32 -18.16 21.06
N ILE D 143 18.52 -17.63 20.16
CA ILE D 143 17.26 -17.04 20.58
C ILE D 143 16.14 -17.48 19.66
N ARG D 144 15.12 -18.10 20.25
CA ARG D 144 13.95 -18.47 19.50
C ARG D 144 12.90 -17.37 19.67
N LEU D 145 12.33 -16.92 18.55
CA LEU D 145 11.30 -15.85 18.53
C LEU D 145 10.46 -15.86 17.27
N SER D 146 9.51 -14.93 17.20
CA SER D 146 8.74 -14.74 16.00
C SER D 146 8.76 -13.28 15.66
N ALA D 147 9.45 -12.96 14.57
CA ALA D 147 9.64 -11.59 14.17
C ALA D 147 8.36 -11.04 13.57
N ARG D 148 7.56 -11.91 12.94
CA ARG D 148 6.26 -11.52 12.39
C ARG D 148 5.31 -11.00 13.46
N THR D 149 5.21 -11.70 14.58
CA THR D 149 4.25 -11.31 15.64
C THR D 149 4.86 -10.47 16.76
N GLY D 150 6.20 -10.41 16.82
CA GLY D 150 6.90 -9.69 17.88
C GLY D 150 7.21 -10.53 19.10
N GLU D 151 6.57 -11.70 19.19
CA GLU D 151 6.76 -12.61 20.31
C GLU D 151 8.20 -13.07 20.46
N GLY D 152 8.76 -12.87 21.64
CA GLY D 152 10.14 -13.30 21.97
C GLY D 152 11.22 -12.29 21.56
N VAL D 153 10.79 -11.16 20.99
CA VAL D 153 11.69 -10.08 20.62
C VAL D 153 12.19 -9.30 21.86
N ASP D 154 11.40 -9.25 22.94
CA ASP D 154 11.82 -8.65 24.22
C ASP D 154 13.06 -9.33 24.83
N VAL D 155 13.12 -10.64 24.69
CA VAL D 155 14.26 -11.41 25.14
C VAL D 155 15.50 -11.00 24.34
N LEU D 156 15.29 -10.62 23.08
CA LEU D 156 16.41 -10.26 22.19
C LEU D 156 17.01 -8.94 22.61
N ARG D 157 16.11 -7.97 22.90
CA ARG D 157 16.44 -6.65 23.44
C ARG D 157 17.20 -6.77 24.76
N ASN D 158 16.74 -7.67 25.62
CA ASN D 158 17.46 -8.03 26.85
C ASN D 158 18.88 -8.55 26.58
N HIS D 159 19.06 -9.31 25.50
CA HIS D 159 20.32 -9.93 25.22
C HIS D 159 21.24 -8.94 24.51
N LEU D 160 20.65 -8.04 23.73
CA LEU D 160 21.41 -6.94 23.12
C LEU D 160 21.94 -6.00 24.22
N LYS D 161 21.08 -5.70 25.20
CA LYS D 161 21.47 -5.15 26.49
C LYS D 161 22.62 -5.93 27.16
N GLN D 162 22.28 -7.07 27.76
CA GLN D 162 23.25 -7.92 28.46
C GLN D 162 24.59 -8.03 27.69
N SER D 163 24.51 -8.44 26.42
CA SER D 163 25.70 -8.81 25.61
C SER D 163 26.75 -7.71 25.49
N MET D 164 26.30 -6.49 25.15
CA MET D 164 27.21 -5.33 25.07
C MET D 164 26.75 -4.11 25.90
AL ALF E . -18.92 9.25 -9.13
F1 ALF E . -20.16 9.95 -8.10
F2 ALF E . -17.85 8.45 -10.31
F3 ALF E . -18.42 8.07 -7.91
F4 ALF E . -19.29 10.29 -10.48
MG MG F . -16.85 7.89 -6.68
RB RB G . -15.68 10.04 -10.95
PB GDP H . -16.86 10.97 -7.34
O1B GDP H . -17.82 11.91 -6.62
O2B GDP H . -17.55 10.64 -8.66
O3B GDP H . -16.51 9.80 -6.47
O3A GDP H . -15.59 11.78 -7.75
PA GDP H . -14.05 11.28 -7.72
O1A GDP H . -13.50 11.27 -6.30
O2A GDP H . -13.97 10.05 -8.56
O5' GDP H . -13.36 12.52 -8.40
C5' GDP H . -13.81 13.01 -9.72
C4' GDP H . -12.72 13.85 -10.38
O4' GDP H . -12.49 15.08 -9.65
C3' GDP H . -11.37 13.11 -10.46
O3' GDP H . -10.65 13.64 -11.58
C2' GDP H . -10.65 13.67 -9.22
O2' GDP H . -9.22 13.60 -9.30
C1' GDP H . -11.13 15.12 -9.20
N9 GDP H . -11.06 15.64 -7.83
C8 GDP H . -11.55 15.06 -6.74
N7 GDP H . -11.30 15.81 -5.65
C5 GDP H . -10.61 16.93 -6.02
C6 GDP H . -10.03 18.09 -5.34
O6 GDP H . -10.09 18.26 -4.07
N1 GDP H . -9.40 18.98 -6.13
C2 GDP H . -9.32 18.83 -7.49
N2 GDP H . -8.70 19.78 -8.25
N3 GDP H . -9.83 17.74 -8.14
C4 GDP H . -10.47 16.80 -7.47
AL ALF I . -18.76 -8.83 -13.62
F1 ALF I . -18.71 -8.37 -11.96
F2 ALF I . -18.76 -9.20 -15.31
F3 ALF I . -17.27 -9.81 -13.58
F4 ALF I . -20.17 -7.75 -13.61
MG MG J . -19.64 -8.92 -10.13
RB RB K . -22.31 -9.04 -14.37
PB GDP L . -20.10 -11.35 -12.31
O1B GDP L . -19.16 -12.50 -12.33
O2B GDP L . -19.91 -10.39 -13.44
O3B GDP L . -19.92 -10.84 -10.90
O3A GDP L . -21.59 -11.97 -12.43
PA GDP L . -22.90 -11.78 -11.49
O1A GDP L . -22.76 -12.31 -10.11
O2A GDP L . -23.22 -10.34 -11.35
O5' GDP L . -23.91 -12.58 -12.49
C5' GDP L . -24.03 -12.46 -13.91
C4' GDP L . -25.40 -13.02 -14.37
O4' GDP L . -25.42 -14.46 -14.15
C3' GDP L . -26.57 -12.43 -13.55
O3' GDP L . -27.77 -12.39 -14.31
C2' GDP L . -26.75 -13.44 -12.42
O2' GDP L . -28.08 -13.43 -11.87
C1' GDP L . -26.36 -14.76 -13.11
N9 GDP L . -25.91 -15.81 -12.19
C8 GDP L . -24.92 -15.81 -11.26
N7 GDP L . -24.87 -17.01 -10.61
C5 GDP L . -25.86 -17.77 -11.13
C6 GDP L . -26.40 -19.14 -10.94
O6 GDP L . -25.91 -19.88 -10.07
N1 GDP L . -27.41 -19.54 -11.70
C2 GDP L . -27.98 -18.76 -12.63
N2 GDP L . -29.01 -19.22 -13.38
N3 GDP L . -27.54 -17.51 -12.87
C4 GDP L . -26.52 -16.98 -12.16
AL ALF M . 15.22 4.74 -8.63
F1 ALF M . 13.94 5.99 -8.62
F2 ALF M . 16.36 3.40 -8.76
F3 ALF M . 15.63 5.08 -6.94
F4 ALF M . 14.69 4.41 -10.28
MG MG N . 17.33 5.57 -6.20
RB RB O . 18.20 3.92 -10.71
PB GDP P . 17.30 7.28 -8.82
O1B GDP P . 16.40 8.47 -8.98
O2B GDP P . 16.52 6.01 -9.24
O3B GDP P . 17.62 7.06 -7.37
O3A GDP P . 18.57 7.49 -9.81
PA GDP P . 20.07 7.03 -9.46
O1A GDP P . 20.63 7.82 -8.29
O2A GDP P . 20.08 5.56 -9.19
O5' GDP P . 20.77 7.47 -10.84
C5' GDP P . 20.24 6.84 -12.03
C4' GDP P . 21.29 6.93 -13.13
O4' GDP P . 21.58 8.27 -13.40
C3' GDP P . 22.57 6.31 -12.64
O3' GDP P . 23.16 5.69 -13.81
C2' GDP P . 23.41 7.53 -12.16
O2' GDP P . 24.85 7.33 -12.23
C1' GDP P . 22.93 8.61 -13.11
N9 GDP P . 23.04 9.94 -12.51
C8 GDP P . 22.61 10.41 -11.32
N7 GDP P . 22.98 11.70 -11.18
C5 GDP P . 23.64 12.07 -12.29
C6 GDP P . 24.30 13.29 -12.83
O6 GDP P . 24.30 14.34 -12.15
N1 GDP P . 24.86 13.24 -14.03
C2 GDP P . 24.85 12.10 -14.77
N2 GDP P . 25.43 12.04 -15.99
N3 GDP P . 24.28 10.98 -14.34
C4 GDP P . 23.67 10.91 -13.15
AL ALF Q . 15.44 -10.68 1.74
F1 ALF Q . 15.63 -9.18 2.69
F2 ALF Q . 15.32 -12.10 0.74
F3 ALF Q . 16.78 -11.47 2.54
F4 ALF Q . 14.08 -10.00 0.87
MG MG R . 14.62 -8.08 3.90
RB RB S . 11.74 -11.35 1.56
PB GDP T . 14.17 -11.28 4.73
O1B GDP T . 15.17 -12.02 5.55
O2B GDP T . 14.41 -11.44 3.24
O3B GDP T . 14.22 -9.82 5.11
O3A GDP T . 12.70 -11.84 5.12
PA GDP T . 11.39 -10.93 5.39
O1A GDP T . 11.44 -10.18 6.67
O2A GDP T . 10.94 -10.17 4.19
O5' GDP T . 10.31 -12.13 5.65
C5' GDP T . 10.07 -13.04 4.53
C4' GDP T . 8.75 -13.78 4.62
O4' GDP T . 8.81 -14.48 5.87
C3' GDP T . 7.53 -12.85 4.69
O3' GDP T . 6.44 -13.47 3.98
C2' GDP T . 7.26 -12.77 6.20
O2' GDP T . 5.92 -12.35 6.53
C1' GDP T . 7.71 -14.13 6.71
N9 GDP T . 8.12 -14.11 8.14
C8 GDP T . 9.13 -13.43 8.72
N7 GDP T . 9.22 -13.65 10.06
C5 GDP T . 8.22 -14.51 10.38
C6 GDP T . 7.69 -15.18 11.60
O6 GDP T . 8.20 -14.99 12.74
N1 GDP T . 6.62 -16.02 11.46
C2 GDP T . 6.04 -16.25 10.25
N2 GDP T . 4.96 -17.07 10.14
N3 GDP T . 6.46 -15.66 9.10
C4 GDP T . 7.52 -14.81 9.10
#